data_4LHV
#
_entry.id   4LHV
#
_cell.length_a   117.836
_cell.length_b   75.950
_cell.length_c   106.618
_cell.angle_alpha   90.00
_cell.angle_beta   98.44
_cell.angle_gamma   90.00
#
_symmetry.space_group_name_H-M   'C 1 2 1'
#
loop_
_entity.id
_entity.type
_entity.pdbx_description
1 polymer 'Ras-related protein Rab-8A'
2 non-polymer "GUANOSINE-5'-DIPHOSPHATE"
3 non-polymer 'MAGNESIUM ION'
4 water water
#
_entity_poly.entity_id   1
_entity_poly.type   'polypeptide(L)'
_entity_poly.pdbx_seq_one_letter_code
;GSHDYLFKLLLIGDSGVGKTCVLFRFSEDAFNSTFISTIGIDFKIRTIELDGKRIKLQIWDTAGQERFRTITTAYYRGAM
GIMLVYDITNEKSFDNIRNWIRNIEEHASADVEKMILGNKCDVNDKRQVSKERGEKLALDYGIKFMETSAKANINVENAF
FTLARDIKAKMDKK
;
_entity_poly.pdbx_strand_id   A,B,C,D,E
#
loop_
_chem_comp.id
_chem_comp.type
_chem_comp.name
_chem_comp.formula
GDP RNA linking GUANOSINE-5'-DIPHOSPHATE 'C10 H15 N5 O11 P2'
MG non-polymer 'MAGNESIUM ION' 'Mg 2'
#
# COMPACT_ATOMS: atom_id res chain seq x y z
N GLY A 1 -31.17 21.90 -19.28
CA GLY A 1 -30.37 22.84 -18.56
C GLY A 1 -31.06 24.12 -18.76
N SER A 2 -30.47 24.99 -19.55
CA SER A 2 -29.24 24.65 -20.19
C SER A 2 -28.14 25.67 -19.78
N HIS A 3 -28.28 26.20 -18.59
CA HIS A 3 -27.31 27.05 -17.91
C HIS A 3 -26.02 26.27 -17.67
N ASP A 4 -24.87 26.89 -17.85
CA ASP A 4 -23.58 26.32 -17.40
C ASP A 4 -23.06 27.07 -16.18
N TYR A 5 -22.36 26.35 -15.31
CA TYR A 5 -21.87 26.91 -14.05
C TYR A 5 -20.35 26.83 -13.97
N LEU A 6 -19.74 27.96 -13.68
CA LEU A 6 -18.30 28.01 -13.37
C LEU A 6 -18.17 28.84 -12.10
N PHE A 7 -17.79 28.20 -11.00
CA PHE A 7 -17.64 28.88 -9.71
C PHE A 7 -16.16 29.14 -9.43
N LYS A 8 -15.78 30.41 -9.31
CA LYS A 8 -14.43 30.82 -8.92
C LYS A 8 -14.36 30.79 -7.40
N LEU A 9 -13.46 29.93 -6.93
CA LEU A 9 -13.22 29.72 -5.51
C LEU A 9 -11.81 30.16 -5.18
N LEU A 10 -11.60 30.65 -3.97
CA LEU A 10 -10.32 31.18 -3.53
C LEU A 10 -9.90 30.45 -2.23
N LEU A 11 -8.65 29.99 -2.16
CA LEU A 11 -8.07 29.48 -0.91
C LEU A 11 -7.27 30.58 -0.27
N ILE A 12 -7.62 30.98 0.94
CA ILE A 12 -6.83 32.01 1.60
C ILE A 12 -6.47 31.56 3.00
N GLY A 13 -5.39 32.11 3.53
CA GLY A 13 -4.90 31.71 4.84
C GLY A 13 -3.41 31.93 4.94
N ASP A 14 -2.86 31.82 6.13
CA ASP A 14 -1.44 32.11 6.32
C ASP A 14 -0.59 31.17 5.48
N SER A 15 0.57 31.64 5.08
CA SER A 15 1.54 30.78 4.43
C SER A 15 1.80 29.55 5.30
N GLY A 16 1.80 28.37 4.67
CA GLY A 16 2.11 27.12 5.37
C GLY A 16 0.97 26.30 5.94
N VAL A 17 -0.27 26.76 5.76
CA VAL A 17 -1.41 26.07 6.35
C VAL A 17 -1.88 24.85 5.55
N GLY A 18 -1.44 24.76 4.30
CA GLY A 18 -1.82 23.66 3.42
C GLY A 18 -2.74 24.01 2.26
N LYS A 19 -2.79 25.29 1.87
CA LYS A 19 -3.68 25.69 0.74
C LYS A 19 -3.36 24.94 -0.57
N THR A 20 -2.09 24.90 -0.92
CA THR A 20 -1.65 24.24 -2.13
C THR A 20 -1.90 22.74 -2.06
N CYS A 21 -1.67 22.12 -0.92
CA CYS A 21 -1.96 20.71 -0.77
C CYS A 21 -3.45 20.39 -0.85
N VAL A 22 -4.27 21.22 -0.23
CA VAL A 22 -5.71 21.05 -0.37
C VAL A 22 -6.11 21.12 -1.84
N LEU A 23 -5.59 22.11 -2.56
CA LEU A 23 -5.90 22.28 -3.99
C LEU A 23 -5.48 21.06 -4.81
N PHE A 24 -4.26 20.59 -4.57
CA PHE A 24 -3.74 19.47 -5.34
C PHE A 24 -4.29 18.12 -4.93
N ARG A 25 -4.75 17.96 -3.70
CA ARG A 25 -5.46 16.77 -3.32
C ARG A 25 -6.83 16.69 -4.01
N PHE A 26 -7.55 17.81 -3.99
CA PHE A 26 -8.86 17.84 -4.59
C PHE A 26 -8.81 17.64 -6.11
N SER A 27 -7.84 18.26 -6.77
CA SER A 27 -7.81 18.31 -8.25
C SER A 27 -7.01 17.18 -8.90
N GLU A 28 -6.04 16.65 -8.17
CA GLU A 28 -5.18 15.58 -8.68
C GLU A 28 -5.08 14.36 -7.79
N ASP A 29 -5.73 14.38 -6.64
CA ASP A 29 -5.62 13.28 -5.65
C ASP A 29 -4.16 13.01 -5.32
N ALA A 30 -3.38 14.08 -5.24
CA ALA A 30 -1.96 13.99 -4.97
C ALA A 30 -1.66 14.64 -3.62
N PHE A 31 -0.60 14.16 -2.98
CA PHE A 31 -0.04 14.83 -1.79
C PHE A 31 1.48 14.66 -1.76
N ASN A 32 2.21 15.75 -1.94
CA ASN A 32 3.66 15.72 -1.94
C ASN A 32 4.18 14.71 -2.95
N SER A 33 3.55 14.73 -4.13
CA SER A 33 3.96 13.89 -5.26
C SER A 33 5.35 14.28 -5.76
N THR A 34 6.15 13.28 -6.13
CA THR A 34 7.44 13.58 -6.77
C THR A 34 7.27 13.76 -8.29
N PHE A 35 6.05 13.57 -8.79
CA PHE A 35 5.77 13.71 -10.22
C PHE A 35 5.22 15.09 -10.57
N ILE A 36 4.48 15.68 -9.63
CA ILE A 36 3.84 16.99 -9.84
C ILE A 36 4.70 18.15 -9.36
N SER A 37 4.96 19.12 -10.24
CA SER A 37 5.53 20.39 -9.80
C SER A 37 4.39 21.37 -9.61
N THR A 38 4.26 21.94 -8.41
CA THR A 38 3.19 22.93 -8.16
C THR A 38 3.54 24.40 -8.50
N ILE A 39 4.80 24.69 -8.79
CA ILE A 39 5.24 26.07 -9.09
C ILE A 39 4.85 26.47 -10.52
N GLY A 40 4.47 27.71 -10.83
CA GLY A 40 3.59 28.56 -10.06
C GLY A 40 2.26 28.31 -10.77
N ILE A 41 1.57 27.29 -10.31
CA ILE A 41 0.24 26.98 -10.81
C ILE A 41 -0.70 27.86 -9.97
N ASP A 42 -1.45 28.74 -10.61
CA ASP A 42 -2.31 29.69 -9.87
C ASP A 42 -3.71 29.13 -9.51
N PHE A 43 -4.18 28.17 -10.28
CA PHE A 43 -5.50 27.57 -10.05
C PHE A 43 -5.52 26.17 -10.62
N LYS A 44 -6.46 25.36 -10.14
CA LYS A 44 -6.77 24.10 -10.73
C LYS A 44 -8.28 24.04 -10.91
N ILE A 45 -8.74 23.17 -11.80
CA ILE A 45 -10.18 23.05 -12.06
C ILE A 45 -10.57 21.61 -11.83
N ARG A 46 -11.70 21.42 -11.16
CA ARG A 46 -12.33 20.13 -11.09
C ARG A 46 -13.81 20.32 -11.34
N THR A 47 -14.41 19.38 -12.07
CA THR A 47 -15.86 19.43 -12.33
C THR A 47 -16.59 18.45 -11.43
N ILE A 48 -17.65 18.92 -10.76
CA ILE A 48 -18.44 18.04 -9.91
C ILE A 48 -19.87 17.98 -10.42
N GLU A 49 -20.61 16.98 -9.96
CA GLU A 49 -22.03 16.86 -10.33
C GLU A 49 -22.91 17.29 -9.16
N LEU A 50 -23.78 18.29 -9.40
CA LEU A 50 -24.81 18.75 -8.46
C LEU A 50 -26.17 18.81 -9.16
N ASP A 51 -27.17 18.10 -8.63
CA ASP A 51 -28.52 18.16 -9.24
C ASP A 51 -28.48 17.72 -10.70
N GLY A 52 -27.64 16.73 -11.01
CA GLY A 52 -27.44 16.30 -12.40
C GLY A 52 -26.66 17.25 -13.29
N LYS A 53 -26.29 18.43 -12.79
CA LYS A 53 -25.54 19.44 -13.57
C LYS A 53 -24.03 19.31 -13.34
N ARG A 54 -23.25 19.61 -14.36
CA ARG A 54 -21.79 19.56 -14.27
C ARG A 54 -21.20 20.92 -13.90
N ILE A 55 -20.82 21.06 -12.64
CA ILE A 55 -20.38 22.35 -12.11
C ILE A 55 -18.86 22.42 -12.16
N LYS A 56 -18.33 23.39 -12.91
CA LYS A 56 -16.90 23.66 -12.99
C LYS A 56 -16.45 24.46 -11.78
N LEU A 57 -15.49 23.96 -11.03
CA LEU A 57 -14.90 24.74 -9.96
C LEU A 57 -13.50 25.17 -10.38
N GLN A 58 -13.28 26.48 -10.47
CA GLN A 58 -11.94 27.05 -10.71
C GLN A 58 -11.42 27.54 -9.37
N ILE A 59 -10.45 26.81 -8.82
CA ILE A 59 -9.99 27.01 -7.44
CA ILE A 59 -9.99 27.05 -7.48
C ILE A 59 -8.61 27.67 -7.49
N TRP A 60 -8.56 28.90 -6.99
CA TRP A 60 -7.34 29.72 -6.97
C TRP A 60 -6.57 29.59 -5.66
N ASP A 61 -5.26 29.60 -5.77
CA ASP A 61 -4.43 29.50 -4.62
C ASP A 61 -3.90 30.92 -4.42
N THR A 62 -3.47 31.30 -3.23
CA THR A 62 -2.88 32.63 -2.99
C THR A 62 -2.55 33.45 -4.26
N THR A 72 -6.84 46.01 -2.92
CA THR A 72 -7.03 44.61 -2.51
C THR A 72 -8.35 44.05 -3.03
N THR A 73 -9.36 44.90 -3.22
CA THR A 73 -10.60 44.47 -3.87
C THR A 73 -10.30 43.71 -5.17
N ALA A 74 -9.51 44.31 -6.06
CA ALA A 74 -9.22 43.67 -7.32
C ALA A 74 -8.48 42.33 -7.19
N TYR A 75 -8.57 41.73 -6.01
CA TYR A 75 -7.99 40.42 -5.75
C TYR A 75 -9.13 39.43 -5.56
N TYR A 76 -10.19 39.91 -4.94
CA TYR A 76 -11.37 39.13 -4.70
C TYR A 76 -12.41 39.24 -5.83
N ARG A 77 -11.96 39.71 -6.99
CA ARG A 77 -12.86 40.19 -8.07
C ARG A 77 -13.96 39.22 -8.49
N GLY A 78 -13.57 38.03 -8.90
CA GLY A 78 -14.56 37.04 -9.36
C GLY A 78 -15.06 36.10 -8.26
N ALA A 79 -14.40 36.12 -7.12
CA ALA A 79 -14.55 35.04 -6.15
C ALA A 79 -15.99 34.91 -5.65
N MET A 80 -16.56 33.72 -5.82
CA MET A 80 -17.92 33.42 -5.38
C MET A 80 -17.94 32.64 -4.07
N GLY A 81 -16.86 31.89 -3.82
CA GLY A 81 -16.67 31.17 -2.57
C GLY A 81 -15.24 31.30 -2.09
N ILE A 82 -15.06 31.31 -0.77
CA ILE A 82 -13.72 31.41 -0.14
C ILE A 82 -13.55 30.33 0.94
N MET A 83 -12.46 29.56 0.84
CA MET A 83 -12.03 28.68 1.90
C MET A 83 -11.01 29.43 2.74
N LEU A 84 -11.34 29.63 4.01
CA LEU A 84 -10.47 30.27 4.98
C LEU A 84 -9.71 29.16 5.70
N VAL A 85 -8.41 29.02 5.43
CA VAL A 85 -7.70 27.85 5.91
C VAL A 85 -6.74 28.21 7.05
N TYR A 86 -6.81 27.43 8.11
CA TYR A 86 -5.75 27.41 9.12
C TYR A 86 -5.21 26.00 9.30
N ASP A 87 -4.14 25.92 10.09
CA ASP A 87 -3.41 24.70 10.39
C ASP A 87 -3.64 24.37 11.87
N ILE A 88 -4.30 23.26 12.17
CA ILE A 88 -4.60 22.89 13.54
C ILE A 88 -3.37 22.73 14.46
N THR A 89 -2.17 22.66 13.86
CA THR A 89 -0.91 22.53 14.59
C THR A 89 -0.19 23.86 14.78
N ASN A 90 -0.85 24.95 14.37
CA ASN A 90 -0.28 26.29 14.37
C ASN A 90 -1.32 27.29 14.85
N GLU A 91 -1.31 27.54 16.16
CA GLU A 91 -2.23 28.50 16.82
C GLU A 91 -2.22 29.87 16.12
N LYS A 92 -1.05 30.35 15.72
CA LYS A 92 -0.99 31.68 15.11
C LYS A 92 -1.82 31.74 13.81
N SER A 93 -1.82 30.66 13.04
CA SER A 93 -2.56 30.60 11.77
C SER A 93 -4.06 30.67 12.03
N PHE A 94 -4.49 30.10 13.14
CA PHE A 94 -5.86 30.14 13.54
C PHE A 94 -6.23 31.54 14.03
N ASP A 95 -5.34 32.12 14.81
CA ASP A 95 -5.56 33.46 15.31
C ASP A 95 -5.71 34.49 14.18
N ASN A 96 -5.00 34.28 13.07
CA ASN A 96 -5.07 35.18 11.93
C ASN A 96 -6.35 35.06 11.11
N ILE A 97 -7.16 34.04 11.37
CA ILE A 97 -8.45 33.87 10.68
C ILE A 97 -9.36 35.13 10.90
N ARG A 98 -9.40 35.66 12.12
CA ARG A 98 -10.14 36.92 12.42
C ARG A 98 -9.78 38.00 11.43
N ASN A 99 -8.48 38.11 11.18
CA ASN A 99 -7.95 39.12 10.31
C ASN A 99 -8.32 38.87 8.85
N TRP A 100 -8.26 37.60 8.44
CA TRP A 100 -8.67 37.22 7.09
C TRP A 100 -10.15 37.49 6.89
N ILE A 101 -10.97 37.12 7.86
CA ILE A 101 -12.40 37.40 7.81
C ILE A 101 -12.65 38.92 7.61
N ARG A 102 -11.90 39.74 8.36
CA ARG A 102 -12.08 41.19 8.31
C ARG A 102 -11.71 41.74 6.92
N ASN A 103 -10.61 41.22 6.35
CA ASN A 103 -10.21 41.58 5.00
C ASN A 103 -11.26 41.21 3.94
N ILE A 104 -11.83 40.00 4.07
CA ILE A 104 -12.83 39.53 3.13
C ILE A 104 -14.08 40.43 3.18
N GLU A 105 -14.55 40.70 4.38
CA GLU A 105 -15.67 41.62 4.61
C GLU A 105 -15.43 42.98 3.94
N GLU A 106 -14.21 43.51 4.06
CA GLU A 106 -13.86 44.78 3.42
C GLU A 106 -13.83 44.70 1.90
N HIS A 107 -13.15 43.70 1.35
CA HIS A 107 -12.77 43.75 -0.06
C HIS A 107 -13.47 42.75 -0.97
N ALA A 108 -14.05 41.69 -0.42
CA ALA A 108 -14.71 40.67 -1.28
C ALA A 108 -16.15 41.05 -1.57
N SER A 109 -16.75 40.39 -2.54
CA SER A 109 -18.14 40.64 -2.91
C SER A 109 -19.03 40.52 -1.68
N ALA A 110 -20.09 41.33 -1.66
CA ALA A 110 -20.98 41.44 -0.51
C ALA A 110 -21.46 40.11 0.08
N ASP A 111 -21.87 39.17 -0.76
CA ASP A 111 -22.44 37.89 -0.37
CA ASP A 111 -22.32 37.87 -0.19
C ASP A 111 -21.56 36.68 -0.74
N VAL A 112 -20.25 36.85 -0.82
CA VAL A 112 -19.33 35.72 -1.10
C VAL A 112 -19.65 34.62 -0.09
N GLU A 113 -19.69 33.35 -0.51
CA GLU A 113 -19.94 32.25 0.42
C GLU A 113 -18.62 31.87 1.10
N LYS A 114 -18.66 31.59 2.39
CA LYS A 114 -17.45 31.35 3.17
C LYS A 114 -17.46 30.03 3.93
N MET A 115 -16.27 29.47 4.11
CA MET A 115 -16.11 28.28 4.92
C MET A 115 -14.73 28.29 5.55
N ILE A 116 -14.67 27.88 6.81
CA ILE A 116 -13.40 27.77 7.53
CA ILE A 116 -13.40 27.75 7.54
C ILE A 116 -12.96 26.30 7.53
N LEU A 117 -11.71 26.06 7.15
CA LEU A 117 -11.10 24.74 7.17
C LEU A 117 -9.97 24.64 8.19
N GLY A 118 -10.08 23.69 9.10
CA GLY A 118 -9.01 23.40 10.06
C GLY A 118 -8.21 22.25 9.52
N ASN A 119 -7.13 22.57 8.80
CA ASN A 119 -6.38 21.60 8.00
C ASN A 119 -5.26 20.94 8.83
N LYS A 120 -4.74 19.82 8.33
CA LYS A 120 -3.75 18.95 8.99
C LYS A 120 -4.35 18.26 10.21
N CYS A 121 -5.62 17.93 10.13
CA CYS A 121 -6.29 17.25 11.23
C CYS A 121 -5.78 15.84 11.45
N ASP A 122 -4.90 15.36 10.57
CA ASP A 122 -4.26 14.08 10.76
C ASP A 122 -3.11 14.15 11.77
N VAL A 123 -2.57 15.35 12.03
CA VAL A 123 -1.42 15.52 12.94
C VAL A 123 -1.88 15.76 14.39
N ASN A 124 -2.57 14.78 14.94
CA ASN A 124 -3.15 14.90 16.26
C ASN A 124 -2.17 15.03 17.43
N ASP A 125 -0.95 14.52 17.28
CA ASP A 125 0.10 14.65 18.33
C ASP A 125 0.76 16.03 18.40
N LYS A 126 0.46 16.91 17.43
CA LYS A 126 1.02 18.25 17.40
C LYS A 126 -0.08 19.32 17.37
N ARG A 127 -1.32 18.92 17.66
CA ARG A 127 -2.47 19.83 17.63
C ARG A 127 -2.28 20.96 18.61
N GLN A 128 -2.49 22.19 18.13
CA GLN A 128 -2.46 23.39 18.95
C GLN A 128 -3.84 24.04 19.06
N VAL A 129 -4.73 23.76 18.10
CA VAL A 129 -6.09 24.31 18.12
C VAL A 129 -7.08 23.19 18.25
N SER A 130 -7.90 23.24 19.29
CA SER A 130 -8.93 22.22 19.47
C SER A 130 -10.02 22.34 18.39
N LYS A 131 -10.70 21.23 18.09
CA LYS A 131 -11.82 21.28 17.15
C LYS A 131 -12.89 22.23 17.71
N GLU A 132 -13.03 22.18 19.04
CA GLU A 132 -14.02 22.98 19.76
C GLU A 132 -13.77 24.47 19.56
N ARG A 133 -12.50 24.92 19.66
CA ARG A 133 -12.15 26.32 19.36
C ARG A 133 -12.54 26.75 17.94
N GLY A 134 -12.25 25.91 16.96
CA GLY A 134 -12.57 26.23 15.58
C GLY A 134 -14.06 26.33 15.33
N GLU A 135 -14.81 25.38 15.84
CA GLU A 135 -16.25 25.36 15.74
C GLU A 135 -16.90 26.57 16.37
N LYS A 136 -16.38 26.97 17.52
CA LYS A 136 -16.95 28.14 18.21
C LYS A 136 -16.68 29.44 17.48
N LEU A 137 -15.47 29.60 16.93
CA LEU A 137 -15.14 30.76 16.11
C LEU A 137 -16.05 30.80 14.88
N ALA A 138 -16.18 29.68 14.19
CA ALA A 138 -17.06 29.62 13.02
C ALA A 138 -18.49 30.02 13.39
N LEU A 139 -18.99 29.42 14.46
CA LEU A 139 -20.35 29.67 14.90
C LEU A 139 -20.55 31.15 15.21
N ASP A 140 -19.51 31.78 15.75
CA ASP A 140 -19.54 33.20 16.06
C ASP A 140 -19.66 34.14 14.91
N TYR A 141 -19.12 33.76 13.76
CA TYR A 141 -19.19 34.57 12.58
C TYR A 141 -20.33 34.15 11.68
N GLY A 142 -21.03 33.05 12.02
CA GLY A 142 -22.07 32.49 11.18
C GLY A 142 -21.50 31.87 9.91
N ILE A 143 -20.35 31.20 10.05
CA ILE A 143 -19.62 30.61 8.91
C ILE A 143 -19.52 29.11 9.13
N LYS A 144 -19.60 28.34 8.04
CA LYS A 144 -19.54 26.89 8.12
C LYS A 144 -18.09 26.49 8.35
N PHE A 145 -17.91 25.27 8.87
CA PHE A 145 -16.65 24.83 9.41
C PHE A 145 -16.49 23.34 9.23
N MET A 146 -15.26 22.93 8.98
CA MET A 146 -14.91 21.52 9.14
C MET A 146 -13.40 21.35 9.26
N GLU A 147 -13.01 20.24 9.87
CA GLU A 147 -11.60 19.87 9.98
C GLU A 147 -11.20 19.04 8.74
N THR A 148 -10.07 19.39 8.14
CA THR A 148 -9.63 18.70 6.90
C THR A 148 -8.24 18.13 7.00
N SER A 149 -7.95 17.19 6.11
CA SER A 149 -6.59 16.74 5.91
C SER A 149 -6.35 16.53 4.44
N ALA A 150 -5.43 17.29 3.85
CA ALA A 150 -4.99 17.04 2.47
C ALA A 150 -4.20 15.72 2.37
N LYS A 151 -3.50 15.37 3.46
CA LYS A 151 -2.72 14.14 3.51
C LYS A 151 -3.62 12.91 3.51
N ALA A 152 -4.61 12.88 4.40
CA ALA A 152 -5.48 11.71 4.50
C ALA A 152 -6.76 11.82 3.66
N ASN A 153 -6.93 12.91 2.92
CA ASN A 153 -8.18 13.16 2.16
C ASN A 153 -9.45 13.09 3.03
N ILE A 154 -9.41 13.83 4.15
CA ILE A 154 -10.52 13.97 5.08
C ILE A 154 -11.17 15.31 4.82
N ASN A 155 -12.46 15.27 4.48
CA ASN A 155 -13.31 16.41 4.27
C ASN A 155 -12.88 17.40 3.18
N VAL A 156 -11.95 17.00 2.30
CA VAL A 156 -11.53 17.88 1.22
C VAL A 156 -12.68 17.96 0.19
N GLU A 157 -13.18 16.80 -0.25
CA GLU A 157 -14.35 16.75 -1.12
C GLU A 157 -15.53 17.40 -0.43
N ASN A 158 -15.78 16.98 0.80
CA ASN A 158 -16.87 17.56 1.62
C ASN A 158 -16.89 19.08 1.58
N ALA A 159 -15.74 19.67 1.83
CA ALA A 159 -15.61 21.12 1.88
C ALA A 159 -16.05 21.77 0.55
N PHE A 160 -15.47 21.32 -0.56
CA PHE A 160 -15.82 21.85 -1.87
C PHE A 160 -17.25 21.60 -2.31
N PHE A 161 -17.78 20.41 -2.04
CA PHE A 161 -19.13 20.09 -2.43
C PHE A 161 -20.10 20.99 -1.64
N THR A 162 -19.81 21.18 -0.35
CA THR A 162 -20.66 22.02 0.51
C THR A 162 -20.71 23.46 0.07
N LEU A 163 -19.54 24.04 -0.18
CA LEU A 163 -19.46 25.42 -0.63
C LEU A 163 -20.15 25.63 -1.99
N ALA A 164 -19.89 24.70 -2.91
CA ALA A 164 -20.51 24.72 -4.22
C ALA A 164 -22.03 24.66 -4.13
N ARG A 165 -22.55 23.82 -3.27
CA ARG A 165 -23.98 23.70 -3.07
C ARG A 165 -24.57 25.02 -2.63
N ASP A 166 -23.91 25.67 -1.69
CA ASP A 166 -24.39 26.98 -1.18
C ASP A 166 -24.31 28.09 -2.23
N ILE A 167 -23.29 28.06 -3.07
CA ILE A 167 -23.23 29.00 -4.17
C ILE A 167 -24.34 28.74 -5.19
N LYS A 168 -24.56 27.48 -5.53
CA LYS A 168 -25.58 27.11 -6.51
C LYS A 168 -26.99 27.40 -6.01
N ALA A 169 -27.23 27.15 -4.74
CA ALA A 169 -28.55 27.35 -4.14
C ALA A 169 -28.94 28.82 -4.26
N LYS A 170 -27.98 29.69 -4.00
CA LYS A 170 -28.20 31.13 -4.09
C LYS A 170 -28.36 31.58 -5.54
N MET A 171 -27.59 30.98 -6.43
CA MET A 171 -27.62 31.31 -7.83
C MET A 171 -28.92 30.83 -8.49
N ASP A 172 -29.44 29.70 -8.03
CA ASP A 172 -30.69 29.16 -8.55
C ASP A 172 -31.93 29.90 -8.07
N LYS A 173 -31.78 30.70 -7.02
CA LYS A 173 -32.85 31.63 -6.61
C LYS A 173 -32.84 32.83 -7.55
N LYS A 174 -31.70 33.51 -7.61
CA LYS A 174 -31.54 34.73 -8.40
C LYS A 174 -30.11 35.27 -8.31
N HIS B 3 9.26 28.38 9.35
CA HIS B 3 9.20 27.01 9.94
C HIS B 3 9.35 25.95 8.85
N ASP B 4 10.18 26.24 7.85
CA ASP B 4 10.66 25.22 6.91
C ASP B 4 11.99 24.69 7.49
N TYR B 5 12.22 23.40 7.34
CA TYR B 5 13.44 22.76 7.79
C TYR B 5 14.28 22.47 6.57
N LEU B 6 15.60 22.62 6.69
CA LEU B 6 16.50 22.26 5.61
C LEU B 6 17.55 21.27 6.12
N PHE B 7 17.48 20.01 5.70
CA PHE B 7 18.44 18.98 6.16
C PHE B 7 19.40 18.58 5.04
N LYS B 8 20.69 18.72 5.29
CA LYS B 8 21.68 18.27 4.35
C LYS B 8 22.04 16.83 4.68
N LEU B 9 21.85 15.94 3.72
CA LEU B 9 22.13 14.49 3.93
C LEU B 9 23.25 14.04 3.00
N LEU B 10 23.95 13.00 3.42
CA LEU B 10 25.11 12.46 2.69
C LEU B 10 24.88 10.97 2.52
N LEU B 11 25.10 10.49 1.29
CA LEU B 11 25.22 9.08 0.99
C LEU B 11 26.69 8.76 0.96
N ILE B 12 27.13 7.78 1.76
CA ILE B 12 28.52 7.33 1.70
CA ILE B 12 28.53 7.33 1.79
C ILE B 12 28.60 5.80 1.62
N GLY B 13 29.60 5.30 0.91
CA GLY B 13 29.71 3.86 0.68
C GLY B 13 30.57 3.63 -0.54
N ASP B 14 31.11 2.42 -0.68
CA ASP B 14 31.97 2.07 -1.81
C ASP B 14 31.28 2.34 -3.13
N SER B 15 32.08 2.55 -4.17
CA SER B 15 31.56 2.66 -5.52
C SER B 15 30.85 1.36 -5.88
N GLY B 16 29.68 1.46 -6.52
CA GLY B 16 28.94 0.26 -6.97
C GLY B 16 27.89 -0.36 -6.05
N VAL B 17 27.62 0.25 -4.90
CA VAL B 17 26.68 -0.33 -3.93
C VAL B 17 25.21 0.08 -4.18
N GLY B 18 25.03 1.13 -4.98
CA GLY B 18 23.68 1.60 -5.35
C GLY B 18 23.31 2.96 -4.79
N LYS B 19 24.29 3.73 -4.32
CA LYS B 19 24.03 5.09 -3.82
C LYS B 19 23.21 5.97 -4.76
N THR B 20 23.64 6.06 -6.00
CA THR B 20 22.98 6.90 -7.00
C THR B 20 21.59 6.36 -7.31
N CYS B 21 21.48 5.05 -7.47
CA CYS B 21 20.17 4.44 -7.62
C CYS B 21 19.23 4.63 -6.40
N VAL B 22 19.76 4.58 -5.18
CA VAL B 22 18.95 4.84 -4.00
C VAL B 22 18.46 6.29 -4.07
N LEU B 23 19.36 7.19 -4.43
CA LEU B 23 19.05 8.60 -4.55
C LEU B 23 17.95 8.89 -5.57
N PHE B 24 18.05 8.27 -6.73
CA PHE B 24 17.05 8.48 -7.79
C PHE B 24 15.73 7.77 -7.43
N ARG B 25 15.79 6.65 -6.72
CA ARG B 25 14.54 5.99 -6.28
C ARG B 25 13.78 6.91 -5.33
N PHE B 26 14.51 7.52 -4.42
CA PHE B 26 13.89 8.42 -3.45
C PHE B 26 13.35 9.71 -4.08
N SER B 27 14.19 10.37 -4.86
CA SER B 27 13.84 11.66 -5.44
C SER B 27 12.90 11.57 -6.64
N GLU B 28 12.95 10.45 -7.36
CA GLU B 28 12.21 10.32 -8.62
C GLU B 28 11.25 9.17 -8.66
N ASP B 29 11.24 8.29 -7.64
CA ASP B 29 10.46 7.05 -7.65
C ASP B 29 10.54 6.26 -8.97
N ALA B 30 11.77 6.06 -9.42
CA ALA B 30 12.03 5.23 -10.59
C ALA B 30 13.34 4.51 -10.37
N PHE B 31 13.49 3.37 -11.06
CA PHE B 31 14.77 2.68 -11.22
C PHE B 31 14.99 2.41 -12.72
N ASN B 32 16.20 2.69 -13.20
CA ASN B 32 16.60 2.42 -14.56
C ASN B 32 17.97 1.77 -14.57
N SER B 33 18.06 0.65 -15.28
CA SER B 33 19.31 -0.12 -15.48
C SER B 33 20.37 0.74 -16.16
N THR B 34 19.89 1.68 -16.96
CA THR B 34 20.70 2.70 -17.60
C THR B 34 20.04 4.03 -17.32
N PHE B 35 20.82 5.00 -16.84
CA PHE B 35 20.29 6.31 -16.50
C PHE B 35 19.90 7.13 -17.73
N ILE B 36 18.92 8.02 -17.56
CA ILE B 36 18.64 9.03 -18.58
C ILE B 36 19.70 10.12 -18.37
N SER B 37 20.93 9.75 -18.67
CA SER B 37 22.13 10.35 -18.05
C SER B 37 22.29 11.86 -18.12
N THR B 38 22.69 12.44 -16.98
CA THR B 38 23.51 13.65 -16.93
C THR B 38 24.95 13.21 -16.66
N ILE B 39 25.07 12.06 -15.99
CA ILE B 39 26.35 11.48 -15.55
C ILE B 39 27.05 12.39 -14.55
N GLY B 40 26.75 12.19 -13.27
CA GLY B 40 27.38 12.92 -12.18
C GLY B 40 26.48 13.99 -11.58
N ILE B 41 25.32 13.56 -11.10
CA ILE B 41 24.45 14.43 -10.31
C ILE B 41 24.82 14.25 -8.83
N ASP B 42 25.67 15.13 -8.32
CA ASP B 42 26.15 14.95 -6.94
C ASP B 42 25.22 15.46 -5.81
N PHE B 43 24.02 15.94 -6.16
CA PHE B 43 22.89 15.97 -5.22
C PHE B 43 21.52 15.96 -5.90
N LYS B 44 20.51 15.55 -5.13
CA LYS B 44 19.09 15.66 -5.52
C LYS B 44 18.33 16.23 -4.33
N ILE B 45 17.19 16.85 -4.59
CA ILE B 45 16.37 17.46 -3.56
C ILE B 45 15.00 16.81 -3.56
N ARG B 46 14.51 16.51 -2.36
CA ARG B 46 13.12 16.13 -2.17
C ARG B 46 12.63 16.81 -0.92
N THR B 47 11.44 17.39 -1.05
CA THR B 47 10.73 17.99 0.05
C THR B 47 9.65 17.05 0.52
N ILE B 48 9.70 16.70 1.80
CA ILE B 48 8.71 15.87 2.41
C ILE B 48 8.03 16.64 3.54
N GLU B 49 7.03 15.99 4.12
CA GLU B 49 6.30 16.45 5.29
C GLU B 49 6.57 15.56 6.48
N LEU B 50 6.88 16.18 7.61
CA LEU B 50 6.95 15.52 8.92
C LEU B 50 6.18 16.42 9.88
N ASP B 51 5.20 15.86 10.57
CA ASP B 51 4.38 16.57 11.56
C ASP B 51 3.70 17.82 10.98
N GLY B 52 3.37 17.79 9.68
CA GLY B 52 2.78 18.93 9.01
C GLY B 52 3.74 20.01 8.55
N LYS B 53 5.04 19.82 8.76
CA LYS B 53 6.03 20.83 8.38
C LYS B 53 6.78 20.45 7.12
N ARG B 54 7.14 21.45 6.30
CA ARG B 54 7.92 21.24 5.10
C ARG B 54 9.34 20.92 5.52
N ILE B 55 9.86 19.79 5.03
CA ILE B 55 11.24 19.38 5.26
C ILE B 55 11.92 19.20 3.92
N LYS B 56 12.81 20.14 3.58
CA LYS B 56 13.57 20.05 2.37
C LYS B 56 14.81 19.20 2.65
N LEU B 57 14.97 18.11 1.91
CA LEU B 57 16.14 17.25 2.05
C LEU B 57 17.03 17.44 0.85
N GLN B 58 18.24 17.94 1.10
CA GLN B 58 19.26 18.05 0.08
C GLN B 58 20.19 16.88 0.31
N ILE B 59 20.25 15.98 -0.68
CA ILE B 59 20.93 14.70 -0.51
C ILE B 59 22.10 14.61 -1.46
N TRP B 60 23.31 14.64 -0.90
CA TRP B 60 24.52 14.64 -1.70
C TRP B 60 25.01 13.21 -1.94
N ASP B 61 25.54 13.02 -3.15
CA ASP B 61 26.05 11.74 -3.63
C ASP B 61 27.55 11.90 -3.83
N THR B 62 28.28 11.79 -2.72
CA THR B 62 29.72 12.09 -2.64
C THR B 62 30.26 12.97 -3.76
N ALA B 74 32.66 13.71 2.03
CA ALA B 74 33.66 14.73 2.04
C ALA B 74 33.71 15.17 3.45
N TYR B 75 34.10 16.41 3.69
CA TYR B 75 33.95 16.96 5.00
C TYR B 75 32.49 17.02 5.40
N TYR B 76 32.22 16.81 6.67
CA TYR B 76 30.92 16.44 7.07
C TYR B 76 30.28 17.70 7.59
N ARG B 77 31.02 18.82 7.59
CA ARG B 77 30.46 19.99 8.20
C ARG B 77 29.14 20.33 7.55
N GLY B 78 28.13 20.49 8.36
CA GLY B 78 26.82 20.81 7.88
C GLY B 78 25.95 19.60 7.74
N ALA B 79 26.55 18.43 7.62
CA ALA B 79 25.80 17.21 7.43
C ALA B 79 24.98 16.87 8.67
N MET B 80 23.68 16.79 8.48
CA MET B 80 22.77 16.55 9.58
C MET B 80 22.43 15.08 9.68
N GLY B 81 22.54 14.40 8.55
CA GLY B 81 22.30 12.97 8.51
C GLY B 81 23.15 12.32 7.42
N ILE B 82 23.50 11.06 7.66
CA ILE B 82 24.33 10.29 6.70
C ILE B 82 23.80 8.87 6.53
N MET B 83 23.61 8.46 5.29
CA MET B 83 23.27 7.09 4.96
C MET B 83 24.54 6.38 4.54
N LEU B 84 24.88 5.34 5.29
CA LEU B 84 26.03 4.49 5.01
C LEU B 84 25.53 3.29 4.24
N VAL B 85 25.96 3.16 3.00
CA VAL B 85 25.38 2.15 2.11
C VAL B 85 26.40 1.07 1.78
N TYR B 86 25.98 -0.18 1.89
CA TYR B 86 26.74 -1.30 1.35
C TYR B 86 25.87 -2.15 0.41
N ASP B 87 26.51 -3.03 -0.34
CA ASP B 87 25.83 -3.93 -1.25
C ASP B 87 25.75 -5.28 -0.55
N ILE B 88 24.54 -5.78 -0.34
CA ILE B 88 24.34 -7.05 0.36
C ILE B 88 24.97 -8.25 -0.39
N THR B 89 25.28 -8.06 -1.67
CA THR B 89 25.96 -9.08 -2.47
C THR B 89 27.48 -8.85 -2.58
N ASN B 90 28.05 -7.97 -1.76
CA ASN B 90 29.50 -7.69 -1.78
C ASN B 90 30.05 -7.51 -0.37
N GLU B 91 30.71 -8.57 0.12
CA GLU B 91 31.30 -8.58 1.47
C GLU B 91 32.27 -7.42 1.60
N LYS B 92 33.08 -7.17 0.57
CA LYS B 92 34.06 -6.07 0.59
C LYS B 92 33.43 -4.70 0.90
N SER B 93 32.28 -4.43 0.29
CA SER B 93 31.55 -3.18 0.53
C SER B 93 31.10 -3.03 1.98
N PHE B 94 30.71 -4.16 2.57
CA PHE B 94 30.32 -4.23 3.97
C PHE B 94 31.49 -3.98 4.93
N ASP B 95 32.66 -4.54 4.61
CA ASP B 95 33.90 -4.29 5.37
C ASP B 95 34.31 -2.81 5.36
N ASN B 96 34.11 -2.12 4.24
CA ASN B 96 34.45 -0.71 4.21
C ASN B 96 33.48 0.15 5.05
N ILE B 97 32.32 -0.39 5.45
CA ILE B 97 31.38 0.34 6.31
C ILE B 97 31.99 0.64 7.65
N ARG B 98 32.62 -0.37 8.27
CA ARG B 98 33.37 -0.15 9.51
C ARG B 98 34.32 1.01 9.34
N ASN B 99 35.07 0.99 8.24
CA ASN B 99 36.05 2.05 7.99
C ASN B 99 35.34 3.39 7.80
N TRP B 100 34.19 3.36 7.12
CA TRP B 100 33.39 4.57 6.94
C TRP B 100 32.87 5.09 8.29
N ILE B 101 32.41 4.19 9.14
CA ILE B 101 31.89 4.55 10.45
C ILE B 101 32.95 5.25 11.29
N ARG B 102 34.21 4.89 11.07
CA ARG B 102 35.35 5.58 11.69
C ARG B 102 35.73 6.88 10.98
N ASN B 103 35.64 6.92 9.65
CA ASN B 103 35.82 8.18 8.90
C ASN B 103 34.79 9.24 9.32
N ILE B 104 33.56 8.81 9.56
CA ILE B 104 32.48 9.70 10.04
C ILE B 104 32.80 10.15 11.46
N GLU B 105 32.93 9.21 12.37
CA GLU B 105 33.18 9.56 13.75
C GLU B 105 34.54 10.21 13.96
N GLU B 106 34.92 11.07 13.05
CA GLU B 106 36.15 11.82 13.15
C GLU B 106 35.82 13.22 12.74
N HIS B 107 35.51 13.42 11.48
CA HIS B 107 35.09 14.73 11.02
C HIS B 107 33.64 15.14 11.39
N ALA B 108 32.77 14.19 11.71
CA ALA B 108 31.34 14.42 11.71
C ALA B 108 30.78 14.95 13.01
N SER B 109 29.78 15.81 12.92
CA SER B 109 29.34 16.57 14.06
C SER B 109 28.82 15.70 15.15
N ALA B 110 28.71 16.26 16.33
CA ALA B 110 28.13 15.54 17.45
C ALA B 110 26.71 15.11 17.13
N ASP B 111 25.93 16.05 16.59
CA ASP B 111 24.50 15.84 16.38
C ASP B 111 24.10 15.10 15.10
N VAL B 112 25.07 14.60 14.33
CA VAL B 112 24.75 13.89 13.06
C VAL B 112 24.03 12.56 13.28
N GLU B 113 22.93 12.35 12.54
CA GLU B 113 22.20 11.09 12.60
C GLU B 113 22.71 10.17 11.51
N LYS B 114 22.78 8.88 11.83
CA LYS B 114 23.41 7.93 10.94
C LYS B 114 22.51 6.72 10.77
N MET B 115 22.50 6.16 9.57
CA MET B 115 21.75 4.94 9.29
C MET B 115 22.57 4.11 8.30
N ILE B 116 22.55 2.79 8.51
CA ILE B 116 23.20 1.84 7.58
C ILE B 116 22.15 1.24 6.66
N LEU B 117 22.41 1.28 5.35
CA LEU B 117 21.53 0.67 4.35
C LEU B 117 22.25 -0.50 3.69
N GLY B 118 21.70 -1.70 3.80
CA GLY B 118 22.17 -2.84 3.04
C GLY B 118 21.36 -2.91 1.76
N ASN B 119 21.89 -2.37 0.69
CA ASN B 119 21.15 -2.26 -0.57
C ASN B 119 21.24 -3.51 -1.45
N LYS B 120 20.35 -3.58 -2.45
CA LYS B 120 20.24 -4.67 -3.43
C LYS B 120 19.62 -5.90 -2.79
N CYS B 121 18.72 -5.68 -1.82
CA CYS B 121 18.13 -6.79 -1.09
C CYS B 121 17.14 -7.59 -1.95
N ASP B 122 16.99 -7.21 -3.22
CA ASP B 122 16.18 -7.98 -4.16
C ASP B 122 16.95 -9.17 -4.75
N VAL B 123 18.26 -9.22 -4.54
CA VAL B 123 19.17 -10.16 -5.22
C VAL B 123 19.63 -11.26 -4.26
N ASN B 124 18.68 -12.00 -3.69
CA ASN B 124 18.99 -12.99 -2.67
C ASN B 124 19.87 -14.14 -3.14
N ASP B 125 19.86 -14.43 -4.43
CA ASP B 125 20.68 -15.51 -4.99
C ASP B 125 22.18 -15.22 -5.00
N LYS B 126 22.58 -13.97 -4.76
CA LYS B 126 24.00 -13.59 -4.70
C LYS B 126 24.35 -12.87 -3.39
N ARG B 127 23.51 -13.06 -2.38
CA ARG B 127 23.69 -12.45 -1.07
C ARG B 127 24.94 -12.97 -0.40
N GLN B 128 25.85 -12.08 -0.02
CA GLN B 128 27.06 -12.47 0.71
C GLN B 128 27.03 -12.02 2.15
N VAL B 129 26.16 -11.04 2.43
CA VAL B 129 26.06 -10.45 3.75
C VAL B 129 24.65 -10.69 4.26
N SER B 130 24.52 -11.48 5.33
CA SER B 130 23.22 -11.80 5.89
C SER B 130 22.65 -10.59 6.62
N LYS B 131 21.33 -10.51 6.68
CA LYS B 131 20.63 -9.47 7.44
C LYS B 131 21.17 -9.41 8.86
N GLU B 132 21.31 -10.57 9.51
CA GLU B 132 21.82 -10.68 10.90
C GLU B 132 23.10 -9.89 11.11
N ARG B 133 24.02 -10.07 10.19
CA ARG B 133 25.31 -9.45 10.29
C ARG B 133 25.26 -7.94 10.10
N GLY B 134 24.43 -7.46 9.16
CA GLY B 134 24.27 -6.01 8.98
C GLY B 134 23.67 -5.38 10.22
N GLU B 135 22.64 -6.03 10.76
CA GLU B 135 21.98 -5.58 11.96
C GLU B 135 22.96 -5.52 13.13
N LYS B 136 23.86 -6.50 13.20
CA LYS B 136 24.84 -6.56 14.30
C LYS B 136 25.85 -5.42 14.23
N LEU B 137 26.35 -5.11 13.04
CA LEU B 137 27.27 -3.99 12.89
C LEU B 137 26.58 -2.69 13.29
N ALA B 138 25.36 -2.51 12.80
CA ALA B 138 24.55 -1.32 13.15
C ALA B 138 24.40 -1.19 14.64
N LEU B 139 24.00 -2.28 15.29
CA LEU B 139 23.69 -2.28 16.71
C LEU B 139 24.95 -2.01 17.52
N ASP B 140 26.07 -2.55 17.06
CA ASP B 140 27.38 -2.30 17.69
C ASP B 140 27.73 -0.82 17.76
N TYR B 141 27.27 -0.04 16.78
CA TYR B 141 27.51 1.40 16.80
C TYR B 141 26.32 2.22 17.27
N GLY B 142 25.25 1.56 17.69
CA GLY B 142 24.06 2.27 18.15
C GLY B 142 23.42 3.09 17.04
N ILE B 143 23.42 2.55 15.83
CA ILE B 143 22.74 3.23 14.72
C ILE B 143 21.72 2.31 14.02
N LYS B 144 20.76 2.95 13.34
CA LYS B 144 19.62 2.27 12.78
C LYS B 144 20.05 1.58 11.48
N PHE B 145 19.25 0.63 11.05
CA PHE B 145 19.60 -0.25 9.91
C PHE B 145 18.34 -0.68 9.14
N MET B 146 18.46 -0.70 7.82
CA MET B 146 17.45 -1.29 6.92
C MET B 146 18.10 -1.93 5.72
N GLU B 147 17.54 -3.04 5.28
CA GLU B 147 17.88 -3.60 3.97
C GLU B 147 16.95 -2.95 2.95
N THR B 148 17.55 -2.42 1.88
CA THR B 148 16.83 -1.64 0.88
C THR B 148 16.98 -2.27 -0.50
N SER B 149 16.09 -1.89 -1.40
CA SER B 149 16.24 -2.17 -2.81
C SER B 149 15.80 -0.93 -3.60
N ALA B 150 16.76 -0.28 -4.25
CA ALA B 150 16.45 0.82 -5.16
C ALA B 150 15.63 0.27 -6.35
N LYS B 151 15.94 -0.95 -6.77
CA LYS B 151 15.28 -1.55 -7.93
C LYS B 151 13.85 -1.94 -7.60
N ALA B 152 13.67 -2.72 -6.55
CA ALA B 152 12.36 -3.28 -6.24
C ALA B 152 11.50 -2.34 -5.36
N ASN B 153 12.05 -1.19 -5.00
CA ASN B 153 11.37 -0.15 -4.20
C ASN B 153 11.06 -0.66 -2.80
N ILE B 154 12.12 -1.13 -2.13
CA ILE B 154 12.02 -1.67 -0.80
C ILE B 154 12.77 -0.76 0.17
N ASN B 155 12.03 -0.19 1.11
CA ASN B 155 12.60 0.56 2.24
C ASN B 155 13.32 1.87 1.95
N VAL B 156 13.31 2.35 0.71
CA VAL B 156 14.07 3.55 0.40
C VAL B 156 13.37 4.78 1.01
N GLU B 157 12.07 4.91 0.76
CA GLU B 157 11.29 5.96 1.39
C GLU B 157 11.33 5.81 2.90
N ASN B 158 11.15 4.59 3.38
CA ASN B 158 11.15 4.31 4.81
C ASN B 158 12.44 4.83 5.45
N ALA B 159 13.59 4.55 4.82
CA ALA B 159 14.90 4.93 5.32
C ALA B 159 15.06 6.44 5.45
N PHE B 160 14.75 7.14 4.37
CA PHE B 160 14.88 8.60 4.35
C PHE B 160 13.89 9.28 5.29
N PHE B 161 12.64 8.80 5.37
CA PHE B 161 11.70 9.39 6.32
C PHE B 161 12.10 9.14 7.78
N THR B 162 12.69 7.98 8.03
CA THR B 162 13.14 7.62 9.39
C THR B 162 14.31 8.51 9.76
N LEU B 163 15.30 8.60 8.89
CA LEU B 163 16.46 9.46 9.14
C LEU B 163 16.01 10.91 9.42
N ALA B 164 15.13 11.45 8.56
CA ALA B 164 14.69 12.85 8.71
C ALA B 164 13.90 13.11 9.99
N ARG B 165 13.15 12.13 10.41
CA ARG B 165 12.36 12.17 11.59
C ARG B 165 13.29 12.22 12.80
N ASP B 166 14.36 11.45 12.75
CA ASP B 166 15.35 11.43 13.82
C ASP B 166 16.07 12.76 13.95
N ILE B 167 16.43 13.35 12.81
CA ILE B 167 17.00 14.69 12.76
C ILE B 167 16.02 15.74 13.33
N LYS B 168 14.78 15.69 12.87
CA LYS B 168 13.75 16.62 13.33
C LYS B 168 13.53 16.59 14.83
N ALA B 169 13.36 15.41 15.39
CA ALA B 169 12.99 15.24 16.78
C ALA B 169 14.08 15.81 17.69
N LYS B 170 15.32 15.60 17.28
CA LYS B 170 16.48 16.09 18.00
C LYS B 170 16.52 17.62 17.99
N MET B 171 16.30 18.18 16.81
CA MET B 171 16.36 19.61 16.60
C MET B 171 15.22 20.34 17.33
N ASP B 172 14.04 19.73 17.37
CA ASP B 172 12.89 20.31 18.06
C ASP B 172 13.04 20.32 19.59
N LYS B 173 14.02 19.59 20.10
CA LYS B 173 14.30 19.63 21.54
C LYS B 173 15.32 20.71 21.89
N LYS B 174 15.78 21.44 20.88
CA LYS B 174 16.68 22.59 21.02
C LYS B 174 18.14 22.16 20.97
N ASP C 4 12.06 19.35 -30.91
CA ASP C 4 11.11 19.82 -31.97
C ASP C 4 10.76 18.63 -32.87
N TYR C 5 10.34 17.54 -32.25
CA TYR C 5 10.00 16.33 -32.97
C TYR C 5 8.70 15.75 -32.41
N LEU C 6 7.94 15.06 -33.25
CA LEU C 6 6.75 14.33 -32.82
C LEU C 6 6.87 12.87 -33.26
N PHE C 7 7.10 11.99 -32.29
CA PHE C 7 7.26 10.56 -32.57
C PHE C 7 6.02 9.75 -32.18
N LYS C 8 5.44 9.04 -33.15
CA LYS C 8 4.32 8.14 -32.92
C LYS C 8 4.86 6.76 -32.54
N LEU C 9 4.54 6.32 -31.33
CA LEU C 9 4.99 5.03 -30.82
C LEU C 9 3.79 4.15 -30.53
N LEU C 10 3.96 2.85 -30.73
CA LEU C 10 2.97 1.81 -30.52
C LEU C 10 3.38 0.82 -29.42
N LEU C 11 2.41 0.43 -28.58
CA LEU C 11 2.55 -0.68 -27.64
C LEU C 11 1.78 -1.86 -28.18
N ILE C 12 2.45 -2.97 -28.42
CA ILE C 12 1.79 -4.15 -28.93
C ILE C 12 2.20 -5.37 -28.15
N GLY C 13 1.29 -6.33 -28.05
CA GLY C 13 1.51 -7.55 -27.31
C GLY C 13 0.18 -8.11 -26.85
N ASP C 14 0.24 -9.32 -26.29
CA ASP C 14 -0.96 -10.02 -25.83
C ASP C 14 -1.68 -9.20 -24.78
N SER C 15 -3.01 -9.36 -24.72
CA SER C 15 -3.78 -8.80 -23.62
C SER C 15 -3.30 -9.37 -22.30
N GLY C 16 -3.23 -8.52 -21.28
CA GLY C 16 -2.82 -8.93 -19.95
C GLY C 16 -1.35 -8.70 -19.61
N VAL C 17 -0.52 -8.34 -20.60
CA VAL C 17 0.93 -8.19 -20.37
C VAL C 17 1.32 -6.91 -19.62
N GLY C 18 0.43 -5.93 -19.64
CA GLY C 18 0.67 -4.66 -18.96
C GLY C 18 0.89 -3.45 -19.86
N LYS C 19 0.43 -3.53 -21.12
CA LYS C 19 0.59 -2.43 -22.06
C LYS C 19 -0.03 -1.13 -21.56
N THR C 20 -1.28 -1.20 -21.11
CA THR C 20 -1.97 -0.02 -20.55
C THR C 20 -1.31 0.51 -19.27
N CYS C 21 -0.85 -0.37 -18.39
CA CYS C 21 -0.14 0.07 -17.19
C CYS C 21 1.20 0.72 -17.52
N VAL C 22 1.93 0.17 -18.48
CA VAL C 22 3.17 0.81 -18.92
C VAL C 22 2.89 2.23 -19.41
N LEU C 23 1.87 2.38 -20.26
CA LEU C 23 1.46 3.69 -20.77
C LEU C 23 1.15 4.68 -19.66
N PHE C 24 0.28 4.26 -18.75
CA PHE C 24 -0.14 5.16 -17.68
C PHE C 24 0.91 5.46 -16.63
N ARG C 25 1.81 4.52 -16.39
CA ARG C 25 2.94 4.81 -15.54
C ARG C 25 3.84 5.87 -16.18
N PHE C 26 4.14 5.70 -17.46
CA PHE C 26 5.02 6.63 -18.15
C PHE C 26 4.42 8.03 -18.28
N SER C 27 3.16 8.10 -18.68
CA SER C 27 2.52 9.37 -19.00
C SER C 27 1.93 10.07 -17.79
N GLU C 28 1.50 9.31 -16.78
CA GLU C 28 0.84 9.88 -15.61
C GLU C 28 1.47 9.54 -14.25
N ASP C 29 2.52 8.71 -14.23
CA ASP C 29 3.07 8.15 -12.98
C ASP C 29 2.03 7.41 -12.14
N ALA C 30 1.10 6.77 -12.83
CA ALA C 30 -0.03 6.10 -12.20
C ALA C 30 0.08 4.59 -12.33
N PHE C 31 -0.33 3.85 -11.29
CA PHE C 31 -0.52 2.39 -11.37
C PHE C 31 -1.77 1.96 -10.59
N ASN C 32 -2.76 1.46 -11.31
CA ASN C 32 -4.02 1.05 -10.74
C ASN C 32 -4.59 2.16 -9.87
N SER C 33 -4.51 3.40 -10.39
CA SER C 33 -5.08 4.57 -9.71
C SER C 33 -6.58 4.40 -9.50
N THR C 34 -7.05 4.90 -8.35
CA THR C 34 -8.48 4.93 -8.05
C THR C 34 -9.11 6.27 -8.51
N PHE C 35 -8.29 7.21 -9.01
CA PHE C 35 -8.74 8.58 -9.35
C PHE C 35 -8.89 8.80 -10.85
N ILE C 36 -8.16 8.01 -11.61
CA ILE C 36 -7.95 8.22 -13.03
C ILE C 36 -8.56 7.02 -13.73
N SER C 37 -9.23 7.27 -14.86
CA SER C 37 -9.80 6.20 -15.64
C SER C 37 -8.84 5.78 -16.75
N THR C 38 -8.76 4.47 -16.95
CA THR C 38 -7.79 3.88 -17.85
C THR C 38 -8.47 3.20 -19.05
N ILE C 39 -9.79 3.40 -19.18
CA ILE C 39 -10.54 2.90 -20.32
C ILE C 39 -11.18 4.07 -21.09
N GLY C 40 -11.47 3.92 -22.38
CA GLY C 40 -10.72 3.09 -23.31
C GLY C 40 -9.91 4.17 -23.99
N ILE C 41 -8.70 4.36 -23.51
CA ILE C 41 -7.87 5.49 -23.92
C ILE C 41 -6.99 5.02 -25.07
N ASP C 42 -7.00 5.78 -26.17
CA ASP C 42 -6.28 5.38 -27.38
C ASP C 42 -4.78 5.67 -27.28
N PHE C 43 -4.43 6.87 -26.86
CA PHE C 43 -3.03 7.28 -26.75
C PHE C 43 -2.84 8.22 -25.58
N LYS C 44 -1.62 8.32 -25.12
CA LYS C 44 -1.22 9.33 -24.14
C LYS C 44 -0.03 10.06 -24.77
N ILE C 45 0.26 11.26 -24.29
CA ILE C 45 1.36 12.06 -24.80
C ILE C 45 2.31 12.47 -23.67
N ARG C 46 3.60 12.34 -23.91
CA ARG C 46 4.60 12.86 -23.00
C ARG C 46 5.72 13.47 -23.81
N THR C 47 6.17 14.65 -23.39
CA THR C 47 7.24 15.35 -24.08
C THR C 47 8.48 15.22 -23.25
N ILE C 48 9.56 14.75 -23.87
CA ILE C 48 10.83 14.59 -23.21
C ILE C 48 11.87 15.45 -23.93
N GLU C 49 13.01 15.63 -23.30
CA GLU C 49 14.08 16.42 -23.88
C GLU C 49 15.27 15.53 -24.24
N LEU C 50 15.72 15.65 -25.50
CA LEU C 50 16.89 14.94 -26.03
C LEU C 50 17.75 15.96 -26.79
N ASP C 51 19.06 15.98 -26.54
CA ASP C 51 19.97 16.94 -27.21
C ASP C 51 19.41 18.37 -27.21
N GLY C 52 18.82 18.80 -26.10
CA GLY C 52 18.19 20.11 -26.01
C GLY C 52 16.89 20.31 -26.79
N LYS C 53 16.40 19.28 -27.48
CA LYS C 53 15.19 19.39 -28.32
C LYS C 53 13.97 18.83 -27.59
N ARG C 54 12.80 19.45 -27.81
CA ARG C 54 11.53 18.95 -27.28
C ARG C 54 11.00 17.84 -28.18
N ILE C 55 11.03 16.59 -27.68
CA ILE C 55 10.51 15.45 -28.41
C ILE C 55 9.16 15.04 -27.84
N LYS C 56 8.09 15.20 -28.61
CA LYS C 56 6.75 14.80 -28.17
C LYS C 56 6.48 13.36 -28.57
N LEU C 57 6.17 12.55 -27.56
CA LEU C 57 5.88 11.14 -27.76
C LEU C 57 4.37 10.97 -27.65
N GLN C 58 3.76 10.57 -28.75
CA GLN C 58 2.35 10.22 -28.82
C GLN C 58 2.28 8.70 -28.82
N ILE C 59 1.87 8.10 -27.70
CA ILE C 59 2.06 6.67 -27.49
C ILE C 59 0.73 5.94 -27.53
N TRP C 60 0.59 5.00 -28.45
CA TRP C 60 -0.66 4.32 -28.72
C TRP C 60 -0.76 2.98 -28.07
N ASP C 61 -1.94 2.71 -27.53
CA ASP C 61 -2.20 1.50 -26.80
C ASP C 61 -3.12 0.67 -27.67
N THR C 62 -2.52 -0.23 -28.42
CA THR C 62 -3.20 -0.97 -29.49
C THR C 62 -3.95 -2.16 -28.92
N ALA C 74 -3.83 1.21 -32.40
CA ALA C 74 -3.72 1.99 -33.62
C ALA C 74 -3.07 1.23 -34.76
N TYR C 75 -2.63 1.97 -35.78
CA TYR C 75 -2.08 1.41 -37.01
C TYR C 75 -0.59 1.68 -37.20
N TYR C 76 0.03 0.91 -38.06
CA TYR C 76 1.43 1.03 -38.32
C TYR C 76 1.74 2.20 -39.23
N ARG C 77 0.80 3.11 -39.40
CA ARG C 77 0.89 4.11 -40.48
C ARG C 77 2.13 4.96 -40.33
N GLY C 78 2.07 5.96 -39.48
CA GLY C 78 3.27 6.79 -39.23
C GLY C 78 4.03 6.38 -37.98
N ALA C 79 3.93 5.10 -37.60
CA ALA C 79 4.59 4.57 -36.40
C ALA C 79 6.09 4.54 -36.58
N MET C 80 6.80 5.20 -35.68
CA MET C 80 8.25 5.33 -35.76
C MET C 80 8.99 4.45 -34.75
N GLY C 81 8.28 4.02 -33.71
CA GLY C 81 8.79 3.00 -32.81
C GLY C 81 7.69 2.10 -32.25
N ILE C 82 8.08 0.88 -31.91
CA ILE C 82 7.16 -0.12 -31.39
C ILE C 82 7.73 -0.85 -30.17
N MET C 83 7.00 -0.84 -29.06
CA MET C 83 7.30 -1.70 -27.90
C MET C 83 6.55 -3.00 -28.03
N LEU C 84 7.29 -4.10 -28.12
CA LEU C 84 6.70 -5.42 -28.06
C LEU C 84 6.74 -5.91 -26.63
N VAL C 85 5.58 -6.09 -26.00
CA VAL C 85 5.50 -6.36 -24.55
C VAL C 85 5.05 -7.80 -24.29
N TYR C 86 5.79 -8.49 -23.44
CA TYR C 86 5.36 -9.74 -22.86
C TYR C 86 5.39 -9.61 -21.34
N ASP C 87 4.90 -10.65 -20.69
CA ASP C 87 4.75 -10.70 -19.22
C ASP C 87 5.66 -11.83 -18.75
N ILE C 88 6.64 -11.50 -17.93
CA ILE C 88 7.64 -12.47 -17.47
C ILE C 88 7.01 -13.65 -16.70
N THR C 89 5.81 -13.44 -16.18
CA THR C 89 5.09 -14.48 -15.46
C THR C 89 4.22 -15.36 -16.37
N ASN C 90 4.27 -15.13 -17.68
CA ASN C 90 3.44 -15.85 -18.64
C ASN C 90 4.21 -16.25 -19.91
N GLU C 91 4.69 -17.49 -19.93
CA GLU C 91 5.47 -18.03 -21.05
C GLU C 91 4.76 -17.93 -22.38
N LYS C 92 3.45 -18.16 -22.39
CA LYS C 92 2.62 -18.02 -23.59
C LYS C 92 2.73 -16.63 -24.24
N SER C 93 2.70 -15.57 -23.42
CA SER C 93 2.78 -14.21 -23.94
C SER C 93 4.13 -13.97 -24.60
N PHE C 94 5.16 -14.62 -24.04
CA PHE C 94 6.53 -14.53 -24.53
C PHE C 94 6.70 -15.25 -25.87
N ASP C 95 6.08 -16.41 -25.99
CA ASP C 95 6.10 -17.19 -27.24
C ASP C 95 5.43 -16.45 -28.37
N ASN C 96 4.34 -15.76 -28.05
CA ASN C 96 3.65 -14.92 -29.02
C ASN C 96 4.43 -13.73 -29.55
N ILE C 97 5.54 -13.36 -28.91
CA ILE C 97 6.37 -12.26 -29.38
C ILE C 97 6.81 -12.49 -30.83
N ARG C 98 7.21 -13.72 -31.13
CA ARG C 98 7.61 -14.09 -32.50
C ARG C 98 6.50 -13.84 -33.52
N ASN C 99 5.25 -14.12 -33.12
CA ASN C 99 4.08 -13.82 -33.94
C ASN C 99 3.83 -12.34 -34.09
N TRP C 100 3.99 -11.56 -33.03
CA TRP C 100 3.88 -10.13 -33.15
C TRP C 100 5.00 -9.58 -34.02
N ILE C 101 6.21 -10.11 -33.89
CA ILE C 101 7.31 -9.63 -34.74
C ILE C 101 6.98 -9.88 -36.22
N ARG C 102 6.39 -11.03 -36.49
CA ARG C 102 5.91 -11.38 -37.85
C ARG C 102 4.96 -10.31 -38.39
N ASN C 103 3.98 -9.92 -37.57
CA ASN C 103 2.99 -8.91 -37.93
C ASN C 103 3.64 -7.57 -38.23
N ILE C 104 4.60 -7.17 -37.40
CA ILE C 104 5.27 -5.89 -37.58
C ILE C 104 6.05 -5.83 -38.88
N GLU C 105 6.74 -6.93 -39.22
CA GLU C 105 7.54 -7.00 -40.45
C GLU C 105 6.67 -6.84 -41.71
N GLU C 106 5.44 -7.35 -41.65
CA GLU C 106 4.48 -7.21 -42.74
C GLU C 106 4.10 -5.74 -42.99
N HIS C 107 3.54 -5.10 -41.96
CA HIS C 107 2.74 -3.88 -42.16
C HIS C 107 3.44 -2.57 -41.78
N ALA C 108 4.39 -2.64 -40.86
CA ALA C 108 5.08 -1.45 -40.40
C ALA C 108 6.19 -1.02 -41.37
N SER C 109 6.63 0.22 -41.23
CA SER C 109 7.74 0.76 -42.00
C SER C 109 8.97 -0.12 -41.86
N ALA C 110 9.84 -0.08 -42.87
CA ALA C 110 11.05 -0.90 -42.89
C ALA C 110 11.97 -0.49 -41.76
N ASP C 111 12.08 0.82 -41.55
CA ASP C 111 13.05 1.37 -40.62
C ASP C 111 12.47 1.66 -39.23
N VAL C 112 11.34 1.06 -38.89
CA VAL C 112 10.72 1.31 -37.57
C VAL C 112 11.59 0.74 -36.46
N GLU C 113 11.84 1.54 -35.42
CA GLU C 113 12.66 1.11 -34.28
C GLU C 113 11.83 0.20 -33.37
N LYS C 114 12.44 -0.87 -32.89
CA LYS C 114 11.74 -1.88 -32.09
C LYS C 114 12.47 -2.17 -30.78
N MET C 115 11.69 -2.56 -29.78
CA MET C 115 12.26 -2.94 -28.52
C MET C 115 11.30 -3.85 -27.86
N ILE C 116 11.83 -4.91 -27.28
CA ILE C 116 10.95 -5.78 -26.57
CA ILE C 116 11.02 -5.88 -26.54
C ILE C 116 11.12 -5.56 -25.06
N LEU C 117 9.98 -5.55 -24.37
CA LEU C 117 9.92 -5.38 -22.94
C LEU C 117 9.38 -6.61 -22.26
N GLY C 118 10.15 -7.17 -21.32
CA GLY C 118 9.67 -8.21 -20.45
C GLY C 118 9.05 -7.55 -19.22
N ASN C 119 7.74 -7.41 -19.22
CA ASN C 119 7.05 -6.66 -18.16
C ASN C 119 6.67 -7.51 -16.95
N LYS C 120 6.35 -6.85 -15.83
CA LYS C 120 5.95 -7.49 -14.56
C LYS C 120 7.15 -8.14 -13.88
N CYS C 121 8.30 -7.50 -14.03
CA CYS C 121 9.55 -8.07 -13.53
C CYS C 121 9.64 -8.03 -12.01
N ASP C 122 8.72 -7.29 -11.36
CA ASP C 122 8.67 -7.21 -9.91
C ASP C 122 8.05 -8.47 -9.27
N VAL C 123 7.38 -9.28 -10.08
CA VAL C 123 6.69 -10.47 -9.62
C VAL C 123 7.61 -11.69 -9.80
N ASN C 124 8.74 -11.65 -9.12
CA ASN C 124 9.79 -12.64 -9.38
C ASN C 124 9.46 -14.04 -8.85
N ASP C 125 8.53 -14.13 -7.91
CA ASP C 125 8.11 -15.43 -7.39
C ASP C 125 7.25 -16.21 -8.39
N LYS C 126 6.64 -15.51 -9.34
CA LYS C 126 5.82 -16.17 -10.37
C LYS C 126 6.46 -16.13 -11.77
N ARG C 127 7.75 -15.82 -11.85
CA ARG C 127 8.48 -15.74 -13.11
C ARG C 127 8.41 -17.06 -13.89
N GLN C 128 8.07 -16.97 -15.17
CA GLN C 128 8.05 -18.12 -16.07
C GLN C 128 9.05 -17.98 -17.22
N VAL C 129 9.57 -16.79 -17.47
CA VAL C 129 10.56 -16.57 -18.53
C VAL C 129 11.81 -15.93 -17.92
N SER C 130 12.94 -16.63 -18.00
CA SER C 130 14.20 -16.10 -17.51
C SER C 130 14.60 -14.87 -18.33
N LYS C 131 15.31 -13.94 -17.69
CA LYS C 131 15.88 -12.77 -18.39
C LYS C 131 16.80 -13.22 -19.54
N GLU C 132 17.54 -14.30 -19.31
CA GLU C 132 18.45 -14.84 -20.34
C GLU C 132 17.66 -15.15 -21.60
N ARG C 133 16.53 -15.83 -21.45
CA ARG C 133 15.69 -16.19 -22.60
C ARG C 133 15.17 -14.96 -23.34
N GLY C 134 14.75 -13.93 -22.61
CA GLY C 134 14.33 -12.69 -23.25
C GLY C 134 15.46 -12.05 -24.05
N GLU C 135 16.64 -11.98 -23.43
CA GLU C 135 17.79 -11.39 -24.07
C GLU C 135 18.17 -12.17 -25.33
N LYS C 136 18.05 -13.50 -25.28
CA LYS C 136 18.45 -14.34 -26.43
C LYS C 136 17.51 -14.16 -27.61
N LEU C 137 16.20 -14.10 -27.33
CA LEU C 137 15.18 -13.86 -28.33
C LEU C 137 15.40 -12.52 -29.00
N ALA C 138 15.60 -11.48 -28.21
CA ALA C 138 15.85 -10.14 -28.75
C ALA C 138 17.10 -10.09 -29.63
N LEU C 139 18.18 -10.68 -29.15
CA LEU C 139 19.43 -10.72 -29.91
C LEU C 139 19.24 -11.48 -31.24
N ASP C 140 18.47 -12.56 -31.20
CA ASP C 140 18.18 -13.34 -32.41
C ASP C 140 17.52 -12.53 -33.50
N TYR C 141 16.72 -11.55 -33.09
CA TYR C 141 16.06 -10.67 -34.05
C TYR C 141 16.79 -9.36 -34.24
N GLY C 142 17.88 -9.15 -33.51
CA GLY C 142 18.61 -7.88 -33.57
C GLY C 142 17.75 -6.72 -33.04
N ILE C 143 17.02 -6.99 -31.96
CA ILE C 143 16.10 -6.01 -31.34
C ILE C 143 16.60 -5.72 -29.91
N LYS C 144 16.41 -4.49 -29.43
CA LYS C 144 16.76 -4.14 -28.08
C LYS C 144 15.79 -4.76 -27.06
N PHE C 145 16.24 -4.86 -25.81
CA PHE C 145 15.51 -5.61 -24.79
C PHE C 145 15.74 -5.00 -23.42
N MET C 146 14.68 -4.98 -22.61
CA MET C 146 14.73 -4.59 -21.19
C MET C 146 13.65 -5.30 -20.45
N GLU C 147 13.87 -5.60 -19.17
CA GLU C 147 12.80 -6.08 -18.31
C GLU C 147 12.23 -4.88 -17.55
N THR C 148 10.91 -4.82 -17.46
CA THR C 148 10.21 -3.64 -16.93
C THR C 148 9.22 -3.98 -15.84
N SER C 149 8.84 -2.95 -15.09
CA SER C 149 7.75 -3.06 -14.14
C SER C 149 7.01 -1.72 -14.12
N ALA C 150 5.75 -1.74 -14.54
CA ALA C 150 4.86 -0.59 -14.42
C ALA C 150 4.61 -0.29 -12.94
N LYS C 151 4.51 -1.34 -12.15
CA LYS C 151 4.23 -1.22 -10.71
C LYS C 151 5.36 -0.55 -9.94
N ALA C 152 6.60 -1.03 -10.12
CA ALA C 152 7.76 -0.46 -9.45
C ALA C 152 8.45 0.63 -10.25
N ASN C 153 7.92 0.97 -11.41
CA ASN C 153 8.57 1.92 -12.32
C ASN C 153 10.04 1.54 -12.57
N ILE C 154 10.23 0.30 -12.99
CA ILE C 154 11.57 -0.22 -13.36
C ILE C 154 11.69 -0.17 -14.87
N ASN C 155 12.62 0.61 -15.39
CA ASN C 155 12.96 0.62 -16.83
C ASN C 155 11.87 1.20 -17.77
N VAL C 156 10.86 1.85 -17.21
CA VAL C 156 9.78 2.41 -18.02
C VAL C 156 10.28 3.69 -18.68
N GLU C 157 10.95 4.56 -17.93
CA GLU C 157 11.62 5.73 -18.54
C GLU C 157 12.66 5.28 -19.56
N ASN C 158 13.53 4.40 -19.10
CA ASN C 158 14.66 3.89 -19.87
C ASN C 158 14.20 3.41 -21.25
N ALA C 159 13.16 2.56 -21.25
CA ALA C 159 12.55 2.03 -22.47
C ALA C 159 12.20 3.12 -23.44
N PHE C 160 11.44 4.11 -22.97
CA PHE C 160 10.96 5.16 -23.86
C PHE C 160 12.05 6.11 -24.28
N PHE C 161 12.94 6.48 -23.39
CA PHE C 161 14.02 7.40 -23.76
C PHE C 161 14.96 6.74 -24.75
N THR C 162 15.15 5.42 -24.57
CA THR C 162 16.06 4.67 -25.41
C THR C 162 15.48 4.52 -26.83
N LEU C 163 14.23 4.07 -26.93
CA LEU C 163 13.57 3.99 -28.23
C LEU C 163 13.55 5.38 -28.93
N ALA C 164 13.28 6.43 -28.17
CA ALA C 164 13.19 7.77 -28.71
C ALA C 164 14.57 8.29 -29.21
N ARG C 165 15.62 7.91 -28.51
CA ARG C 165 16.97 8.22 -28.91
C ARG C 165 17.30 7.58 -30.26
N ASP C 166 16.96 6.32 -30.41
CA ASP C 166 17.17 5.55 -31.64
C ASP C 166 16.38 6.09 -32.82
N ILE C 167 15.19 6.64 -32.57
CA ILE C 167 14.43 7.31 -33.61
C ILE C 167 15.09 8.65 -33.98
N LYS C 168 15.52 9.42 -32.98
CA LYS C 168 16.12 10.73 -33.24
C LYS C 168 17.45 10.60 -33.97
N ALA C 169 18.22 9.55 -33.69
CA ALA C 169 19.47 9.34 -34.41
C ALA C 169 19.21 9.17 -35.91
N LYS C 170 18.32 8.25 -36.26
CA LYS C 170 18.00 7.99 -37.66
C LYS C 170 17.51 9.27 -38.33
N MET C 171 16.56 9.94 -37.67
CA MET C 171 15.93 11.13 -38.20
C MET C 171 16.92 12.25 -38.44
N ASP C 172 17.87 12.41 -37.53
CA ASP C 172 18.91 13.43 -37.64
C ASP C 172 19.97 13.16 -38.72
N LYS C 173 19.79 12.11 -39.52
CA LYS C 173 20.66 11.82 -40.66
C LYS C 173 20.08 12.45 -41.94
N LYS C 174 20.58 13.64 -42.29
CA LYS C 174 20.03 14.45 -43.40
C LYS C 174 18.54 14.75 -43.18
N ASP D 4 -8.77 -13.28 -15.60
CA ASP D 4 -9.09 -12.30 -14.52
C ASP D 4 -9.79 -13.03 -13.39
N TYR D 5 -9.81 -12.39 -12.23
CA TYR D 5 -10.56 -12.88 -11.07
C TYR D 5 -11.65 -11.88 -10.74
N LEU D 6 -12.76 -12.38 -10.20
CA LEU D 6 -13.84 -11.53 -9.72
C LEU D 6 -14.27 -12.01 -8.34
N PHE D 7 -13.96 -11.25 -7.30
CA PHE D 7 -14.26 -11.66 -5.94
C PHE D 7 -15.41 -10.80 -5.41
N LYS D 8 -16.47 -11.46 -4.96
CA LYS D 8 -17.57 -10.80 -4.29
C LYS D 8 -17.28 -10.71 -2.78
N LEU D 9 -17.23 -9.48 -2.27
CA LEU D 9 -16.99 -9.25 -0.85
C LEU D 9 -18.21 -8.59 -0.21
N LEU D 10 -18.39 -8.82 1.09
CA LEU D 10 -19.50 -8.26 1.84
C LEU D 10 -19.00 -7.59 3.10
N LEU D 11 -19.56 -6.44 3.41
CA LEU D 11 -19.31 -5.76 4.67
C LEU D 11 -20.54 -5.99 5.51
N ILE D 12 -20.36 -6.56 6.71
CA ILE D 12 -21.49 -6.78 7.64
C ILE D 12 -21.16 -6.37 9.06
N GLY D 13 -22.18 -5.91 9.77
CA GLY D 13 -22.01 -5.34 11.09
C GLY D 13 -23.14 -4.38 11.42
N ASP D 14 -23.25 -4.02 12.69
CA ASP D 14 -24.28 -3.09 13.16
C ASP D 14 -24.26 -1.79 12.38
N SER D 15 -25.42 -1.22 12.10
CA SER D 15 -25.49 0.10 11.49
C SER D 15 -24.73 1.08 12.41
N GLY D 16 -23.99 2.01 11.82
CA GLY D 16 -23.25 3.00 12.58
C GLY D 16 -21.77 2.74 12.79
N VAL D 17 -21.30 1.52 12.51
CA VAL D 17 -19.91 1.15 12.83
C VAL D 17 -18.86 1.71 11.82
N GLY D 18 -19.33 2.15 10.65
CA GLY D 18 -18.45 2.75 9.62
C GLY D 18 -18.27 1.93 8.36
N LYS D 19 -19.18 0.97 8.13
CA LYS D 19 -19.10 0.11 6.95
C LYS D 19 -19.05 0.91 5.65
N THR D 20 -19.93 1.89 5.51
CA THR D 20 -19.95 2.71 4.29
C THR D 20 -18.70 3.56 4.18
N CYS D 21 -18.20 4.05 5.31
CA CYS D 21 -16.95 4.82 5.32
C CYS D 21 -15.74 3.95 4.98
N VAL D 22 -15.70 2.71 5.48
CA VAL D 22 -14.64 1.75 5.13
C VAL D 22 -14.64 1.47 3.62
N LEU D 23 -15.83 1.24 3.08
CA LEU D 23 -16.00 0.99 1.66
C LEU D 23 -15.54 2.19 0.81
N PHE D 24 -15.97 3.40 1.15
CA PHE D 24 -15.54 4.61 0.43
C PHE D 24 -14.06 4.91 0.59
N ARG D 25 -13.50 4.62 1.77
CA ARG D 25 -12.07 4.79 1.98
C ARG D 25 -11.34 3.86 1.02
N PHE D 26 -11.84 2.64 0.91
CA PHE D 26 -11.21 1.67 0.01
C PHE D 26 -11.41 1.98 -1.48
N SER D 27 -12.63 2.34 -1.87
CA SER D 27 -12.90 2.57 -3.29
C SER D 27 -12.43 3.92 -3.80
N GLU D 28 -12.52 4.94 -2.96
CA GLU D 28 -12.29 6.32 -3.38
C GLU D 28 -11.10 6.99 -2.70
N ASP D 29 -10.49 6.31 -1.73
CA ASP D 29 -9.41 6.87 -0.92
C ASP D 29 -9.74 8.25 -0.30
N ALA D 30 -10.95 8.32 0.28
CA ALA D 30 -11.45 9.53 0.92
C ALA D 30 -12.35 9.18 2.10
N PHE D 31 -12.42 10.13 3.02
CA PHE D 31 -13.38 10.11 4.09
C PHE D 31 -14.00 11.46 4.15
N ASN D 32 -15.33 11.49 4.32
CA ASN D 32 -16.08 12.73 4.50
C ASN D 32 -17.07 12.57 5.64
N SER D 33 -17.15 13.58 6.51
CA SER D 33 -18.05 13.60 7.69
C SER D 33 -19.52 13.65 7.29
N THR D 34 -19.75 14.26 6.15
CA THR D 34 -21.04 14.27 5.46
C THR D 34 -20.81 13.72 4.08
N PHE D 35 -21.59 12.70 3.69
CA PHE D 35 -21.40 12.10 2.36
C PHE D 35 -21.72 13.10 1.26
N ILE D 36 -20.92 13.11 0.20
CA ILE D 36 -21.14 14.04 -0.88
C ILE D 36 -22.05 13.47 -1.92
N SER D 37 -22.95 12.59 -1.52
CA SER D 37 -23.86 11.98 -2.49
C SER D 37 -24.98 11.29 -1.80
N THR D 38 -26.07 11.13 -2.55
CA THR D 38 -27.20 10.36 -2.07
C THR D 38 -27.09 8.92 -2.56
N ILE D 39 -27.28 7.99 -1.63
CA ILE D 39 -27.02 6.59 -1.89
C ILE D 39 -27.84 6.02 -3.05
N ASP D 42 -25.69 -0.39 -4.05
CA ASP D 42 -25.35 -1.05 -2.80
C ASP D 42 -23.89 -1.54 -2.74
N PHE D 43 -23.19 -1.47 -3.86
CA PHE D 43 -21.81 -1.91 -3.91
C PHE D 43 -20.88 -0.88 -4.54
N LYS D 44 -19.60 -1.16 -4.43
CA LYS D 44 -18.55 -0.39 -5.09
C LYS D 44 -17.59 -1.40 -5.71
N ILE D 45 -17.01 -1.06 -6.87
CA ILE D 45 -15.99 -1.90 -7.49
C ILE D 45 -14.60 -1.25 -7.40
N ARG D 46 -13.60 -2.05 -7.07
CA ARG D 46 -12.22 -1.63 -7.21
C ARG D 46 -11.44 -2.80 -7.77
N THR D 47 -10.63 -2.52 -8.79
CA THR D 47 -9.79 -3.54 -9.43
C THR D 47 -8.37 -3.37 -8.93
N ILE D 48 -7.84 -4.42 -8.33
CA ILE D 48 -6.46 -4.42 -7.84
C ILE D 48 -5.64 -5.46 -8.60
N GLU D 49 -4.38 -5.55 -8.22
CA GLU D 49 -3.43 -6.46 -8.80
C GLU D 49 -2.88 -7.33 -7.68
N LEU D 50 -2.93 -8.64 -7.89
CA LEU D 50 -2.27 -9.65 -7.04
C LEU D 50 -1.42 -10.57 -7.93
N ASP D 51 -0.13 -10.68 -7.62
CA ASP D 51 0.81 -11.51 -8.41
C ASP D 51 0.80 -11.16 -9.90
N GLY D 52 0.53 -9.89 -10.23
CA GLY D 52 0.39 -9.47 -11.62
C GLY D 52 -0.92 -9.75 -12.31
N LYS D 53 -1.87 -10.32 -11.58
CA LYS D 53 -3.17 -10.65 -12.14
C LYS D 53 -4.21 -9.60 -11.76
N ARG D 54 -5.13 -9.35 -12.69
CA ARG D 54 -6.21 -8.40 -12.46
C ARG D 54 -7.28 -8.99 -11.56
N ILE D 55 -7.45 -8.42 -10.38
CA ILE D 55 -8.47 -8.90 -9.44
C ILE D 55 -9.55 -7.83 -9.33
N LYS D 56 -10.76 -8.14 -9.77
CA LYS D 56 -11.89 -7.22 -9.63
C LYS D 56 -12.65 -7.54 -8.33
N LEU D 57 -12.72 -6.54 -7.46
CA LEU D 57 -13.42 -6.67 -6.20
C LEU D 57 -14.72 -5.93 -6.32
N GLN D 58 -15.80 -6.64 -6.03
CA GLN D 58 -17.13 -6.06 -5.98
C GLN D 58 -17.57 -6.20 -4.55
N ILE D 59 -17.67 -5.07 -3.87
CA ILE D 59 -17.81 -5.04 -2.43
C ILE D 59 -19.17 -4.46 -2.08
N TRP D 60 -19.95 -5.25 -1.35
CA TRP D 60 -21.33 -4.93 -1.02
C TRP D 60 -21.45 -4.41 0.39
N ASP D 61 -22.11 -3.27 0.49
CA ASP D 61 -22.44 -2.67 1.74
C ASP D 61 -23.81 -3.18 2.12
N THR D 62 -23.84 -4.05 3.13
CA THR D 62 -25.03 -4.82 3.47
C THR D 62 -25.77 -4.18 4.64
N ALA D 74 -30.12 -11.90 2.49
CA ALA D 74 -29.48 -13.05 1.83
C ALA D 74 -28.65 -12.62 0.63
N TYR D 75 -27.63 -11.81 0.89
CA TYR D 75 -26.72 -11.31 -0.15
C TYR D 75 -25.55 -12.27 -0.40
N TYR D 76 -25.66 -13.51 0.07
CA TYR D 76 -24.59 -14.51 -0.05
C TYR D 76 -24.65 -15.31 -1.37
N ARG D 77 -25.48 -14.88 -2.32
CA ARG D 77 -25.60 -15.56 -3.63
C ARG D 77 -24.29 -16.25 -4.01
N GLY D 78 -23.18 -15.53 -3.88
CA GLY D 78 -21.84 -16.15 -3.95
C GLY D 78 -20.73 -15.32 -3.33
N ALA D 79 -20.94 -14.82 -2.11
CA ALA D 79 -19.90 -14.06 -1.40
C ALA D 79 -18.67 -14.92 -1.16
N MET D 80 -17.49 -14.39 -1.45
CA MET D 80 -16.24 -15.13 -1.28
C MET D 80 -15.40 -14.63 -0.12
N GLY D 81 -15.69 -13.40 0.33
CA GLY D 81 -15.02 -12.85 1.48
C GLY D 81 -15.97 -11.95 2.22
N ILE D 82 -15.87 -11.95 3.55
CA ILE D 82 -16.74 -11.11 4.38
C ILE D 82 -15.96 -10.32 5.43
N MET D 83 -16.17 -9.02 5.47
CA MET D 83 -15.60 -8.18 6.52
C MET D 83 -16.63 -8.04 7.62
N LEU D 84 -16.25 -8.42 8.83
CA LEU D 84 -17.12 -8.25 9.98
C LEU D 84 -16.64 -7.07 10.79
N VAL D 85 -17.50 -6.06 10.91
CA VAL D 85 -17.06 -4.77 11.38
C VAL D 85 -17.81 -4.41 12.67
N TYR D 86 -17.05 -3.96 13.66
CA TYR D 86 -17.63 -3.25 14.81
C TYR D 86 -16.97 -1.87 14.96
N ASP D 87 -17.49 -1.11 15.90
CA ASP D 87 -17.02 0.22 16.27
C ASP D 87 -16.31 0.10 17.61
N ILE D 88 -15.00 0.40 17.68
CA ILE D 88 -14.27 0.23 18.95
C ILE D 88 -14.75 1.19 20.06
N THR D 89 -15.63 2.13 19.70
CA THR D 89 -16.22 3.05 20.66
C THR D 89 -17.62 2.59 21.08
N ASN D 90 -18.03 1.41 20.61
CA ASN D 90 -19.38 0.91 20.88
C ASN D 90 -19.38 -0.58 21.20
N GLU D 91 -19.28 -0.86 22.50
CA GLU D 91 -19.39 -2.20 23.07
C GLU D 91 -20.48 -3.08 22.46
N LYS D 92 -21.68 -2.53 22.35
CA LYS D 92 -22.82 -3.25 21.79
C LYS D 92 -22.51 -3.84 20.40
N SER D 93 -21.90 -3.03 19.54
CA SER D 93 -21.57 -3.46 18.18
C SER D 93 -20.56 -4.61 18.20
N PHE D 94 -19.69 -4.61 19.20
CA PHE D 94 -18.69 -5.65 19.36
C PHE D 94 -19.37 -6.97 19.80
N ASP D 95 -20.19 -6.90 20.85
CA ASP D 95 -20.94 -8.07 21.32
C ASP D 95 -21.66 -8.76 20.17
N ASN D 96 -22.36 -7.97 19.36
CA ASN D 96 -23.15 -8.51 18.25
C ASN D 96 -22.34 -9.20 17.14
N ILE D 97 -21.02 -9.09 17.18
CA ILE D 97 -20.15 -9.81 16.24
C ILE D 97 -20.46 -11.31 16.24
N ARG D 98 -20.66 -11.87 17.43
CA ARG D 98 -21.05 -13.28 17.57
C ARG D 98 -22.34 -13.58 16.80
N ASN D 99 -23.28 -12.65 16.86
CA ASN D 99 -24.56 -12.79 16.17
C ASN D 99 -24.46 -12.68 14.65
N TRP D 100 -23.53 -11.87 14.16
CA TRP D 100 -23.24 -11.76 12.73
C TRP D 100 -22.51 -13.01 12.22
N ILE D 101 -21.54 -13.47 12.99
CA ILE D 101 -20.87 -14.75 12.70
C ILE D 101 -21.88 -15.88 12.54
N ARG D 102 -22.82 -15.94 13.48
CA ARG D 102 -23.87 -16.96 13.48
C ARG D 102 -24.67 -16.93 12.17
N ASN D 103 -25.09 -15.74 11.79
CA ASN D 103 -25.78 -15.51 10.52
C ASN D 103 -24.96 -16.00 9.32
N ILE D 104 -23.66 -15.69 9.30
CA ILE D 104 -22.76 -16.15 8.23
C ILE D 104 -22.70 -17.68 8.20
N GLU D 105 -22.64 -18.30 9.37
CA GLU D 105 -22.62 -19.77 9.46
C GLU D 105 -23.87 -20.38 8.82
N GLU D 106 -25.02 -19.78 9.07
CA GLU D 106 -26.28 -20.27 8.50
C GLU D 106 -26.34 -20.09 6.99
N HIS D 107 -26.17 -18.84 6.54
CA HIS D 107 -26.56 -18.45 5.19
C HIS D 107 -25.43 -18.24 4.18
N ALA D 108 -24.18 -18.27 4.62
CA ALA D 108 -23.05 -18.08 3.72
C ALA D 108 -22.42 -19.40 3.35
N SER D 109 -21.57 -19.38 2.33
CA SER D 109 -20.79 -20.55 1.92
C SER D 109 -20.01 -21.08 3.11
N ALA D 110 -19.73 -22.38 3.08
CA ALA D 110 -19.03 -23.05 4.17
C ALA D 110 -17.61 -22.55 4.32
N ASP D 111 -16.92 -22.30 3.20
CA ASP D 111 -15.53 -21.87 3.22
C ASP D 111 -15.33 -20.42 2.73
N VAL D 112 -16.27 -19.55 3.07
CA VAL D 112 -16.09 -18.10 2.86
C VAL D 112 -14.93 -17.60 3.75
N GLU D 113 -14.07 -16.75 3.20
CA GLU D 113 -13.01 -16.12 3.99
C GLU D 113 -13.59 -15.00 4.82
N LYS D 114 -13.12 -14.86 6.06
CA LYS D 114 -13.66 -13.86 6.98
C LYS D 114 -12.56 -13.12 7.68
N MET D 115 -12.87 -11.88 8.04
CA MET D 115 -11.94 -11.04 8.78
C MET D 115 -12.80 -10.10 9.61
N ILE D 116 -12.39 -9.80 10.85
CA ILE D 116 -13.13 -8.79 11.60
C ILE D 116 -12.34 -7.48 11.66
N LEU D 117 -13.08 -6.40 11.48
CA LEU D 117 -12.54 -5.03 11.55
C LEU D 117 -13.04 -4.27 12.79
N GLY D 118 -12.12 -3.91 13.68
CA GLY D 118 -12.38 -2.97 14.75
C GLY D 118 -12.16 -1.55 14.24
N ASN D 119 -13.23 -0.94 13.73
CA ASN D 119 -13.15 0.35 13.07
C ASN D 119 -13.24 1.53 14.08
N LYS D 120 -12.86 2.71 13.60
CA LYS D 120 -12.84 3.96 14.39
C LYS D 120 -11.71 4.00 15.41
N CYS D 121 -10.59 3.32 15.10
CA CYS D 121 -9.46 3.26 16.00
C CYS D 121 -8.68 4.58 16.14
N ASP D 122 -9.13 5.61 15.43
CA ASP D 122 -8.61 6.96 15.62
C ASP D 122 -9.23 7.66 16.82
N VAL D 123 -10.39 7.19 17.30
CA VAL D 123 -11.08 7.85 18.43
C VAL D 123 -10.77 7.13 19.75
N ASN D 124 -9.50 7.14 20.15
CA ASN D 124 -9.08 6.49 21.39
C ASN D 124 -9.78 7.01 22.65
N ASP D 125 -10.07 8.31 22.68
CA ASP D 125 -10.77 8.95 23.79
C ASP D 125 -12.11 8.30 24.13
N LYS D 126 -12.84 7.85 23.11
CA LYS D 126 -14.18 7.27 23.29
C LYS D 126 -14.18 5.74 23.21
N ARG D 127 -13.01 5.11 23.31
CA ARG D 127 -12.87 3.66 23.15
C ARG D 127 -13.59 2.88 24.27
N GLN D 128 -14.47 1.97 23.86
CA GLN D 128 -15.19 1.10 24.80
C GLN D 128 -14.80 -0.37 24.69
N VAL D 129 -14.00 -0.72 23.68
CA VAL D 129 -13.58 -2.09 23.45
C VAL D 129 -12.09 -2.10 23.16
N SER D 130 -11.33 -2.81 23.99
CA SER D 130 -9.89 -2.87 23.84
C SER D 130 -9.48 -3.73 22.64
N LYS D 131 -8.27 -3.51 22.14
CA LYS D 131 -7.76 -4.30 21.04
C LYS D 131 -7.58 -5.76 21.46
N GLU D 132 -7.14 -6.00 22.70
CA GLU D 132 -6.94 -7.37 23.19
C GLU D 132 -8.22 -8.19 23.06
N ARG D 133 -9.35 -7.62 23.50
CA ARG D 133 -10.64 -8.32 23.42
C ARG D 133 -11.04 -8.65 21.98
N GLY D 134 -10.80 -7.71 21.06
CA GLY D 134 -11.05 -7.95 19.64
C GLY D 134 -10.17 -9.07 19.12
N GLU D 135 -8.88 -8.99 19.40
CA GLU D 135 -7.93 -10.02 19.02
C GLU D 135 -8.34 -11.39 19.55
N LYS D 136 -8.68 -11.45 20.85
CA LYS D 136 -9.07 -12.73 21.48
C LYS D 136 -10.33 -13.27 20.82
N LEU D 137 -11.31 -12.40 20.56
CA LEU D 137 -12.52 -12.82 19.85
C LEU D 137 -12.19 -13.42 18.47
N ALA D 138 -11.30 -12.75 17.74
CA ALA D 138 -10.89 -13.25 16.42
C ALA D 138 -10.18 -14.61 16.52
N LEU D 139 -9.20 -14.72 17.41
CA LEU D 139 -8.46 -15.96 17.58
C LEU D 139 -9.40 -17.10 17.99
N ASP D 140 -10.43 -16.77 18.76
CA ASP D 140 -11.41 -17.77 19.17
C ASP D 140 -12.14 -18.38 17.97
N TYR D 141 -12.43 -17.59 16.95
CA TYR D 141 -13.09 -18.12 15.75
C TYR D 141 -12.11 -18.50 14.64
N GLY D 142 -10.82 -18.35 14.91
CA GLY D 142 -9.78 -18.65 13.92
C GLY D 142 -9.90 -17.76 12.69
N ILE D 143 -10.15 -16.48 12.91
CA ILE D 143 -10.24 -15.54 11.80
C ILE D 143 -9.35 -14.33 12.07
N LYS D 144 -8.90 -13.70 10.98
CA LYS D 144 -7.96 -12.61 11.05
C LYS D 144 -8.62 -11.34 11.55
N PHE D 145 -7.80 -10.46 12.08
CA PHE D 145 -8.28 -9.27 12.77
C PHE D 145 -7.43 -8.04 12.49
N MET D 146 -8.08 -6.89 12.32
CA MET D 146 -7.38 -5.61 12.25
C MET D 146 -8.19 -4.48 12.84
N GLU D 147 -7.52 -3.56 13.51
CA GLU D 147 -8.18 -2.32 13.88
C GLU D 147 -7.96 -1.33 12.77
N THR D 148 -9.05 -0.73 12.33
CA THR D 148 -9.05 0.16 11.18
C THR D 148 -9.57 1.55 11.52
N SER D 149 -9.26 2.49 10.63
CA SER D 149 -9.86 3.81 10.68
C SER D 149 -10.15 4.24 9.24
N ALA D 150 -11.44 4.26 8.86
CA ALA D 150 -11.85 4.89 7.62
C ALA D 150 -11.39 6.34 7.57
N LYS D 151 -11.45 7.03 8.72
CA LYS D 151 -11.12 8.44 8.74
C LYS D 151 -9.62 8.70 8.59
N ALA D 152 -8.81 8.03 9.41
CA ALA D 152 -7.39 8.30 9.47
C ALA D 152 -6.61 7.49 8.44
N ASN D 153 -7.33 6.63 7.71
CA ASN D 153 -6.74 5.79 6.67
C ASN D 153 -5.75 4.81 7.29
N ILE D 154 -6.27 4.02 8.24
CA ILE D 154 -5.48 2.98 8.91
C ILE D 154 -6.02 1.60 8.60
N ASN D 155 -5.16 0.78 7.98
CA ASN D 155 -5.42 -0.64 7.70
C ASN D 155 -6.57 -1.02 6.80
N VAL D 156 -7.23 -0.08 6.13
CA VAL D 156 -8.38 -0.41 5.28
C VAL D 156 -7.91 -1.10 4.01
N GLU D 157 -6.93 -0.50 3.36
CA GLU D 157 -6.34 -1.09 2.19
C GLU D 157 -5.70 -2.43 2.56
N ASN D 158 -4.99 -2.48 3.69
CA ASN D 158 -4.33 -3.71 4.15
C ASN D 158 -5.35 -4.83 4.33
N ALA D 159 -6.49 -4.45 4.90
CA ALA D 159 -7.53 -5.39 5.20
C ALA D 159 -8.06 -6.04 3.91
N PHE D 160 -8.43 -5.21 2.93
CA PHE D 160 -8.96 -5.72 1.66
C PHE D 160 -7.92 -6.49 0.84
N PHE D 161 -6.67 -6.01 0.79
CA PHE D 161 -5.64 -6.74 0.07
C PHE D 161 -5.36 -8.08 0.77
N THR D 162 -5.30 -8.06 2.10
CA THR D 162 -5.10 -9.29 2.86
C THR D 162 -6.20 -10.32 2.57
N LEU D 163 -7.46 -9.92 2.68
CA LEU D 163 -8.58 -10.80 2.38
C LEU D 163 -8.51 -11.34 0.95
N ALA D 164 -8.27 -10.46 -0.01
CA ALA D 164 -8.17 -10.84 -1.42
C ALA D 164 -7.01 -11.81 -1.66
N ARG D 165 -5.90 -11.66 -0.97
CA ARG D 165 -4.81 -12.59 -1.10
C ARG D 165 -5.21 -13.97 -0.61
N ASP D 166 -5.93 -14.00 0.48
CA ASP D 166 -6.38 -15.27 1.07
C ASP D 166 -7.37 -16.01 0.18
N ILE D 167 -8.34 -15.29 -0.39
CA ILE D 167 -9.29 -15.85 -1.34
C ILE D 167 -8.55 -16.37 -2.58
N LYS D 168 -7.62 -15.59 -3.10
CA LYS D 168 -6.86 -15.99 -4.29
C LYS D 168 -5.97 -17.21 -4.00
N ALA D 169 -5.35 -17.26 -2.83
CA ALA D 169 -4.52 -18.41 -2.45
C ALA D 169 -5.30 -19.72 -2.48
N LYS D 170 -6.52 -19.70 -1.96
CA LYS D 170 -7.36 -20.89 -1.94
C LYS D 170 -7.83 -21.24 -3.35
N MET D 171 -8.17 -20.21 -4.11
CA MET D 171 -8.64 -20.37 -5.48
C MET D 171 -7.55 -20.93 -6.41
N ASP D 172 -6.30 -20.57 -6.17
CA ASP D 172 -5.19 -21.06 -6.99
C ASP D 172 -4.81 -22.51 -6.70
N LYS D 173 -5.21 -23.03 -5.54
CA LYS D 173 -4.99 -24.44 -5.20
C LYS D 173 -5.74 -25.33 -6.19
N LYS D 174 -6.97 -24.95 -6.52
CA LYS D 174 -7.70 -25.49 -7.66
C LYS D 174 -7.84 -27.01 -7.62
N HIS E 3 -20.29 -45.06 11.22
CA HIS E 3 -19.05 -44.44 10.79
C HIS E 3 -19.39 -43.51 9.63
N ASP E 4 -19.40 -42.22 9.88
CA ASP E 4 -19.87 -41.28 8.86
C ASP E 4 -18.77 -40.67 8.01
N TYR E 5 -17.70 -40.23 8.64
CA TYR E 5 -16.56 -39.67 7.94
C TYR E 5 -15.27 -40.22 8.51
N LEU E 6 -14.22 -40.17 7.72
CA LEU E 6 -12.86 -40.43 8.17
C LEU E 6 -12.05 -39.17 7.88
N PHE E 7 -11.46 -38.58 8.91
CA PHE E 7 -10.61 -37.40 8.76
C PHE E 7 -9.14 -37.78 8.98
N LYS E 8 -8.31 -37.48 7.98
CA LYS E 8 -6.87 -37.72 8.09
C LYS E 8 -6.23 -36.45 8.67
N LEU E 9 -5.55 -36.60 9.80
CA LEU E 9 -4.90 -35.47 10.46
C LEU E 9 -3.38 -35.74 10.53
N LEU E 10 -2.61 -34.66 10.42
CA LEU E 10 -1.14 -34.71 10.55
C LEU E 10 -0.69 -33.92 11.78
N LEU E 11 0.06 -34.55 12.68
CA LEU E 11 0.78 -33.83 13.72
C LEU E 11 2.16 -33.45 13.15
N ILE E 12 2.45 -32.14 13.07
CA ILE E 12 3.80 -31.69 12.64
C ILE E 12 4.41 -30.70 13.64
N GLY E 13 5.73 -30.59 13.61
CA GLY E 13 6.48 -29.78 14.58
C GLY E 13 7.81 -30.42 14.93
N ASP E 14 8.63 -29.71 15.70
CA ASP E 14 9.97 -30.18 16.05
C ASP E 14 9.90 -31.43 16.93
N SER E 15 10.87 -32.32 16.77
CA SER E 15 10.97 -33.47 17.67
C SER E 15 11.21 -33.00 19.11
N GLY E 16 10.73 -33.77 20.08
CA GLY E 16 10.82 -33.39 21.50
C GLY E 16 9.63 -32.61 22.06
N VAL E 17 8.78 -32.06 21.19
CA VAL E 17 7.71 -31.15 21.66
C VAL E 17 6.50 -31.86 22.27
N GLY E 18 6.36 -33.16 21.98
CA GLY E 18 5.26 -33.97 22.51
C GLY E 18 4.23 -34.46 21.50
N LYS E 19 4.59 -34.50 20.22
CA LYS E 19 3.66 -34.95 19.16
C LYS E 19 3.12 -36.36 19.42
N THR E 20 4.01 -37.29 19.78
CA THR E 20 3.61 -38.66 20.09
C THR E 20 2.87 -38.78 21.42
N CYS E 21 3.27 -37.99 22.41
CA CYS E 21 2.59 -37.98 23.71
C CYS E 21 1.17 -37.41 23.62
N VAL E 22 1.01 -36.32 22.87
CA VAL E 22 -0.32 -35.79 22.56
C VAL E 22 -1.14 -36.88 21.84
N LEU E 23 -0.57 -37.49 20.80
CA LEU E 23 -1.30 -38.52 20.04
C LEU E 23 -1.66 -39.72 20.91
N PHE E 24 -0.75 -40.13 21.79
CA PHE E 24 -1.05 -41.22 22.71
C PHE E 24 -2.07 -40.85 23.76
N ARG E 25 -2.08 -39.59 24.20
CA ARG E 25 -3.06 -39.19 25.18
C ARG E 25 -4.44 -39.20 24.56
N PHE E 26 -4.58 -38.63 23.36
CA PHE E 26 -5.87 -38.64 22.67
C PHE E 26 -6.34 -40.07 22.39
N SER E 27 -5.51 -40.87 21.74
CA SER E 27 -5.91 -42.18 21.23
C SER E 27 -5.96 -43.30 22.28
N GLU E 28 -5.08 -43.25 23.28
CA GLU E 28 -5.02 -44.29 24.32
C GLU E 28 -5.43 -43.82 25.73
N ASP E 29 -5.56 -42.52 25.91
CA ASP E 29 -5.75 -41.90 27.25
C ASP E 29 -4.56 -42.18 28.20
N ALA E 30 -3.39 -42.42 27.63
CA ALA E 30 -2.20 -42.75 28.40
C ALA E 30 -1.18 -41.63 28.27
N ASP E 42 3.21 -45.13 12.77
CA ASP E 42 2.85 -44.26 11.65
C ASP E 42 1.60 -43.42 11.93
N PHE E 43 0.61 -44.04 12.58
CA PHE E 43 -0.62 -43.33 12.93
C PHE E 43 -1.41 -44.03 14.02
N LYS E 44 -2.40 -43.31 14.55
CA LYS E 44 -3.29 -43.85 15.55
C LYS E 44 -4.71 -43.47 15.18
N ILE E 45 -5.65 -44.28 15.63
CA ILE E 45 -7.05 -44.10 15.27
C ILE E 45 -7.94 -43.85 16.49
N ARG E 46 -8.88 -42.93 16.33
CA ARG E 46 -9.97 -42.78 17.28
C ARG E 46 -11.22 -42.26 16.59
N THR E 47 -12.37 -42.81 16.95
CA THR E 47 -13.64 -42.37 16.40
C THR E 47 -14.39 -41.56 17.44
N ILE E 48 -15.01 -40.47 16.99
CA ILE E 48 -15.74 -39.55 17.86
C ILE E 48 -17.10 -39.22 17.24
N GLU E 49 -18.00 -38.68 18.06
CA GLU E 49 -19.33 -38.31 17.59
C GLU E 49 -19.42 -36.81 17.69
N LEU E 50 -19.67 -36.16 16.55
CA LEU E 50 -19.72 -34.71 16.47
C LEU E 50 -20.95 -34.24 15.75
N ASP E 51 -21.75 -33.43 16.46
CA ASP E 51 -22.95 -32.81 15.90
CA ASP E 51 -22.93 -32.80 15.87
C ASP E 51 -23.72 -33.78 14.99
N GLY E 52 -24.07 -34.93 15.56
CA GLY E 52 -24.85 -35.95 14.85
C GLY E 52 -24.08 -37.02 14.09
N LYS E 53 -22.83 -36.75 13.71
CA LYS E 53 -22.06 -37.67 12.87
C LYS E 53 -20.91 -38.34 13.61
N ARG E 54 -20.64 -39.58 13.22
CA ARG E 54 -19.58 -40.37 13.81
C ARG E 54 -18.34 -40.17 12.94
N ILE E 55 -17.25 -39.66 13.52
CA ILE E 55 -16.08 -39.26 12.73
C ILE E 55 -14.87 -40.06 13.19
N LYS E 56 -14.25 -40.76 12.25
CA LYS E 56 -13.04 -41.53 12.49
C LYS E 56 -11.83 -40.63 12.25
N LEU E 57 -11.03 -40.42 13.28
CA LEU E 57 -9.81 -39.62 13.14
C LEU E 57 -8.63 -40.54 12.95
N GLN E 58 -7.99 -40.45 11.80
CA GLN E 58 -6.76 -41.18 11.55
C GLN E 58 -5.62 -40.18 11.66
N ILE E 59 -4.86 -40.26 12.75
CA ILE E 59 -3.90 -39.18 13.07
C ILE E 59 -2.43 -39.61 12.88
N TRP E 60 -1.78 -38.99 11.90
CA TRP E 60 -0.43 -39.37 11.52
C TRP E 60 0.59 -38.56 12.32
N ASP E 61 1.70 -39.21 12.67
CA ASP E 61 2.74 -38.60 13.47
C ASP E 61 4.00 -38.45 12.62
N THR E 62 4.08 -37.33 11.91
CA THR E 62 5.15 -37.03 10.92
C THR E 62 5.58 -38.26 10.11
N ALA E 63 4.56 -38.92 9.54
CA ALA E 63 4.72 -40.15 8.79
C ALA E 63 4.16 -39.95 7.38
N TYR E 75 4.78 -35.13 3.65
CA TYR E 75 4.02 -34.83 2.45
C TYR E 75 2.52 -34.69 2.73
N TYR E 76 1.85 -33.89 1.92
CA TYR E 76 0.45 -33.57 2.11
C TYR E 76 -0.39 -34.09 0.93
N ARG E 77 -1.03 -35.23 1.14
CA ARG E 77 -1.93 -35.81 0.14
C ARG E 77 -3.37 -35.64 0.60
N GLY E 78 -3.79 -36.50 1.53
CA GLY E 78 -5.16 -36.50 2.02
C GLY E 78 -5.39 -35.74 3.32
N ALA E 79 -4.40 -34.96 3.76
CA ALA E 79 -4.45 -34.27 5.05
C ALA E 79 -5.63 -33.30 5.11
N MET E 80 -6.54 -33.52 6.04
CA MET E 80 -7.70 -32.63 6.20
C MET E 80 -7.49 -31.67 7.35
N GLY E 81 -6.66 -32.07 8.32
CA GLY E 81 -6.26 -31.17 9.40
C GLY E 81 -4.83 -31.40 9.83
N ILE E 82 -4.18 -30.32 10.27
CA ILE E 82 -2.81 -30.40 10.78
C ILE E 82 -2.71 -29.73 12.14
N MET E 83 -2.08 -30.43 13.07
CA MET E 83 -1.74 -29.84 14.37
C MET E 83 -0.27 -29.44 14.36
N LEU E 84 -0.03 -28.14 14.48
CA LEU E 84 1.33 -27.60 14.61
C LEU E 84 1.70 -27.50 16.09
N VAL E 85 2.60 -28.38 16.55
CA VAL E 85 2.89 -28.53 17.96
C VAL E 85 4.26 -27.95 18.30
N TYR E 86 4.30 -27.20 19.40
CA TYR E 86 5.56 -26.74 19.97
C TYR E 86 5.52 -26.89 21.49
N ASP E 87 6.69 -26.74 22.10
CA ASP E 87 6.90 -26.97 23.52
C ASP E 87 7.10 -25.62 24.17
N ILE E 88 6.19 -25.23 25.07
CA ILE E 88 6.21 -23.89 25.68
C ILE E 88 7.50 -23.61 26.45
N THR E 89 8.18 -24.69 26.88
CA THR E 89 9.43 -24.60 27.62
C THR E 89 10.63 -24.53 26.70
N ASN E 90 10.40 -24.56 25.38
CA ASN E 90 11.48 -24.56 24.39
C ASN E 90 11.22 -23.54 23.29
N GLU E 91 12.04 -22.48 23.26
CA GLU E 91 11.84 -21.35 22.35
C GLU E 91 12.15 -21.73 20.91
N LYS E 92 13.10 -22.65 20.73
CA LYS E 92 13.48 -23.11 19.41
C LYS E 92 12.28 -23.78 18.72
N SER E 93 11.54 -24.59 19.49
CA SER E 93 10.36 -25.30 18.96
C SER E 93 9.30 -24.33 18.42
N PHE E 94 9.09 -23.23 19.12
CA PHE E 94 8.16 -22.19 18.71
C PHE E 94 8.64 -21.43 17.48
N ASP E 95 9.94 -21.20 17.39
CA ASP E 95 10.49 -20.42 16.28
C ASP E 95 10.25 -21.14 14.96
N ASN E 96 10.41 -22.46 14.98
CA ASN E 96 10.25 -23.28 13.78
C ASN E 96 8.81 -23.37 13.24
N ILE E 97 7.82 -23.07 14.08
CA ILE E 97 6.41 -23.14 13.65
C ILE E 97 6.16 -22.28 12.40
N ARG E 98 6.82 -21.13 12.29
CA ARG E 98 6.66 -20.25 11.12
C ARG E 98 7.16 -20.91 9.83
N ASN E 99 8.24 -21.66 9.95
CA ASN E 99 8.81 -22.40 8.82
C ASN E 99 7.89 -23.55 8.40
N TRP E 100 7.30 -24.24 9.39
CA TRP E 100 6.32 -25.29 9.13
C TRP E 100 5.08 -24.76 8.41
N ILE E 101 4.66 -23.56 8.78
CA ILE E 101 3.51 -22.91 8.15
C ILE E 101 3.76 -22.62 6.67
N ARG E 102 4.98 -22.22 6.33
CA ARG E 102 5.37 -22.01 4.92
C ARG E 102 5.32 -23.31 4.13
N ASN E 103 5.97 -24.34 4.66
CA ASN E 103 6.02 -25.66 4.04
C ASN E 103 4.61 -26.21 3.72
N ILE E 104 3.69 -26.00 4.65
CA ILE E 104 2.28 -26.33 4.44
C ILE E 104 1.67 -25.45 3.35
N GLU E 105 1.94 -24.15 3.41
CA GLU E 105 1.44 -23.20 2.41
C GLU E 105 1.94 -23.54 1.00
N GLU E 106 3.15 -24.10 0.90
CA GLU E 106 3.71 -24.48 -0.39
C GLU E 106 3.06 -25.75 -0.95
N HIS E 107 2.99 -26.78 -0.12
CA HIS E 107 2.68 -28.13 -0.60
C HIS E 107 1.30 -28.67 -0.21
N ALA E 108 0.75 -28.24 0.93
CA ALA E 108 -0.53 -28.77 1.43
C ALA E 108 -1.74 -28.22 0.68
N SER E 109 -2.86 -28.95 0.75
CA SER E 109 -4.12 -28.56 0.12
C SER E 109 -4.61 -27.21 0.64
N ALA E 110 -5.57 -26.62 -0.07
CA ALA E 110 -6.09 -25.28 0.27
C ALA E 110 -7.01 -25.30 1.48
N ASP E 111 -7.92 -26.27 1.49
CA ASP E 111 -8.94 -26.35 2.54
C ASP E 111 -8.46 -27.11 3.78
N VAL E 112 -7.16 -27.42 3.86
CA VAL E 112 -6.61 -28.05 5.08
C VAL E 112 -6.77 -27.11 6.28
N GLU E 113 -7.30 -27.65 7.38
CA GLU E 113 -7.46 -26.89 8.62
C GLU E 113 -6.19 -27.03 9.45
N LYS E 114 -5.77 -25.91 10.05
CA LYS E 114 -4.55 -25.88 10.83
C LYS E 114 -4.85 -25.33 12.23
N MET E 115 -4.10 -25.81 13.21
CA MET E 115 -4.24 -25.35 14.59
C MET E 115 -2.90 -25.44 15.28
N ILE E 116 -2.58 -24.41 16.06
CA ILE E 116 -1.35 -24.38 16.81
C ILE E 116 -1.52 -24.85 18.24
N LEU E 117 -0.66 -25.75 18.66
CA LEU E 117 -0.68 -26.26 20.03
C LEU E 117 0.64 -25.97 20.75
N GLY E 118 0.56 -25.15 21.80
CA GLY E 118 1.67 -24.98 22.74
C GLY E 118 1.58 -26.02 23.85
N ASN E 119 2.31 -27.12 23.69
CA ASN E 119 2.23 -28.28 24.60
C ASN E 119 3.11 -28.06 25.83
N LYS E 120 2.94 -28.93 26.83
CA LYS E 120 3.71 -28.90 28.07
C LYS E 120 3.31 -27.73 28.98
N CYS E 121 2.08 -27.25 28.84
CA CYS E 121 1.62 -26.11 29.64
C CYS E 121 1.51 -26.44 31.14
N ASP E 122 1.73 -27.71 31.51
CA ASP E 122 1.82 -28.12 32.91
C ASP E 122 3.12 -27.64 33.58
N VAL E 123 4.21 -27.60 32.81
CA VAL E 123 5.53 -27.24 33.34
C VAL E 123 5.76 -25.73 33.22
N ASN E 124 5.02 -24.99 34.04
CA ASN E 124 4.97 -23.54 33.93
C ASN E 124 6.28 -22.85 34.38
N ASP E 125 7.04 -23.54 35.23
CA ASP E 125 8.26 -22.95 35.81
C ASP E 125 9.45 -22.94 34.83
N LYS E 126 9.35 -23.75 33.77
CA LYS E 126 10.37 -23.75 32.71
C LYS E 126 9.86 -23.10 31.42
N ARG E 127 8.76 -22.34 31.51
CA ARG E 127 8.19 -21.69 30.34
C ARG E 127 9.17 -20.71 29.71
N GLN E 128 9.36 -20.82 28.39
CA GLN E 128 10.16 -19.86 27.63
C GLN E 128 9.35 -19.07 26.59
N VAL E 129 8.17 -19.59 26.23
CA VAL E 129 7.34 -18.90 25.25
C VAL E 129 6.07 -18.40 25.94
N SER E 130 5.95 -17.09 26.07
CA SER E 130 4.76 -16.50 26.68
C SER E 130 3.53 -16.94 25.89
N LYS E 131 2.41 -17.12 26.59
CA LYS E 131 1.14 -17.45 25.94
C LYS E 131 0.82 -16.42 24.86
N GLU E 132 0.88 -15.14 25.23
CA GLU E 132 0.54 -14.04 24.32
C GLU E 132 1.20 -14.15 22.93
N ARG E 133 2.42 -14.68 22.90
CA ARG E 133 3.18 -14.79 21.65
C ARG E 133 2.62 -15.88 20.72
N GLY E 134 2.28 -17.05 21.29
CA GLY E 134 1.57 -18.09 20.54
C GLY E 134 0.25 -17.60 19.96
N GLU E 135 -0.55 -16.91 20.77
CA GLU E 135 -1.84 -16.38 20.29
C GLU E 135 -1.64 -15.38 19.14
N LYS E 136 -0.57 -14.59 19.23
CA LYS E 136 -0.27 -13.57 18.24
C LYS E 136 0.10 -14.21 16.89
N LEU E 137 0.98 -15.21 16.92
CA LEU E 137 1.37 -15.94 15.73
C LEU E 137 0.15 -16.58 15.07
N ALA E 138 -0.69 -17.22 15.87
CA ALA E 138 -1.89 -17.88 15.39
C ALA E 138 -2.79 -16.86 14.72
N LEU E 139 -3.06 -15.76 15.42
CA LEU E 139 -3.94 -14.71 14.93
C LEU E 139 -3.41 -14.12 13.62
N ASP E 140 -2.09 -13.97 13.54
CA ASP E 140 -1.44 -13.46 12.32
C ASP E 140 -1.85 -14.30 11.11
N TYR E 141 -1.87 -15.63 11.28
CA TYR E 141 -2.19 -16.55 10.16
C TYR E 141 -3.65 -16.97 10.10
N GLY E 142 -4.50 -16.37 10.91
CA GLY E 142 -5.94 -16.67 10.88
C GLY E 142 -6.24 -18.12 11.22
N ILE E 143 -5.57 -18.65 12.25
CA ILE E 143 -5.79 -20.02 12.68
C ILE E 143 -5.93 -20.10 14.19
N LYS E 144 -6.38 -21.26 14.67
CA LYS E 144 -6.68 -21.41 16.08
C LYS E 144 -5.44 -21.82 16.87
N PHE E 145 -5.50 -21.56 18.18
CA PHE E 145 -4.38 -21.78 19.09
C PHE E 145 -4.89 -22.31 20.42
N MET E 146 -4.21 -23.30 20.98
CA MET E 146 -4.43 -23.68 22.36
C MET E 146 -3.13 -24.10 22.99
N GLU E 147 -3.03 -23.89 24.31
CA GLU E 147 -1.97 -24.50 25.07
C GLU E 147 -2.49 -25.83 25.62
N THR E 148 -1.65 -26.86 25.51
CA THR E 148 -2.03 -28.22 25.89
C THR E 148 -1.04 -28.81 26.88
N SER E 149 -1.50 -29.82 27.62
CA SER E 149 -0.59 -30.70 28.35
C SER E 149 -0.98 -32.14 28.11
N ALA E 150 -0.12 -32.88 27.41
CA ALA E 150 -0.31 -34.31 27.25
C ALA E 150 -0.21 -34.99 28.60
N LYS E 151 0.69 -34.49 29.45
CA LYS E 151 0.94 -35.07 30.77
C LYS E 151 -0.25 -34.84 31.70
N ALA E 152 -0.66 -33.59 31.81
CA ALA E 152 -1.81 -33.21 32.64
C ALA E 152 -3.17 -33.45 31.98
N ASN E 153 -3.18 -33.83 30.70
CA ASN E 153 -4.42 -34.04 29.97
C ASN E 153 -5.21 -32.72 29.93
N ILE E 154 -4.56 -31.66 29.45
CA ILE E 154 -5.20 -30.37 29.33
C ILE E 154 -5.38 -29.96 27.87
N ASN E 155 -6.64 -29.50 27.40
CA ASN E 155 -7.01 -29.23 26.03
C ASN E 155 -6.52 -30.24 25.01
N VAL E 156 -6.41 -31.41 25.28
CA VAL E 156 -6.01 -32.31 24.20
C VAL E 156 -7.28 -32.80 23.50
N GLU E 157 -8.26 -33.21 24.28
CA GLU E 157 -9.58 -33.59 23.74
C GLU E 157 -10.21 -32.37 23.03
N ASN E 158 -10.21 -31.21 23.68
CA ASN E 158 -10.74 -29.99 23.07
C ASN E 158 -10.11 -29.66 21.70
N ALA E 159 -8.79 -29.74 21.63
CA ALA E 159 -8.07 -29.44 20.41
C ALA E 159 -8.56 -30.30 19.24
N PHE E 160 -8.66 -31.61 19.47
CA PHE E 160 -8.98 -32.55 18.41
C PHE E 160 -10.46 -32.48 18.05
N PHE E 161 -11.31 -32.29 19.06
CA PHE E 161 -12.73 -32.09 18.81
C PHE E 161 -12.97 -30.79 18.08
N THR E 162 -12.21 -29.76 18.44
CA THR E 162 -12.32 -28.46 17.81
C THR E 162 -11.83 -28.52 16.35
N LEU E 163 -10.68 -29.14 16.11
CA LEU E 163 -10.20 -29.29 14.72
C LEU E 163 -11.20 -30.09 13.90
N ALA E 164 -11.67 -31.20 14.46
CA ALA E 164 -12.64 -32.04 13.79
C ALA E 164 -13.92 -31.26 13.43
N ARG E 165 -14.42 -30.49 14.36
CA ARG E 165 -15.60 -29.68 14.14
C ARG E 165 -15.44 -28.73 12.96
N ASP E 166 -14.30 -28.09 12.87
CA ASP E 166 -14.02 -27.08 11.86
C ASP E 166 -13.81 -27.71 10.48
N ILE E 167 -13.22 -28.90 10.45
CA ILE E 167 -13.14 -29.69 9.23
C ILE E 167 -14.56 -30.02 8.76
N LYS E 168 -15.34 -30.64 9.64
CA LYS E 168 -16.72 -31.01 9.31
C LYS E 168 -17.57 -29.81 8.86
N ALA E 169 -17.39 -28.65 9.50
CA ALA E 169 -18.16 -27.45 9.16
C ALA E 169 -17.97 -27.05 7.71
N LYS E 170 -16.71 -26.96 7.29
CA LYS E 170 -16.36 -26.61 5.91
C LYS E 170 -16.85 -27.64 4.90
N MET E 171 -16.98 -28.89 5.35
CA MET E 171 -17.38 -30.01 4.50
C MET E 171 -18.90 -30.08 4.33
N ASP E 172 -19.60 -30.23 5.46
CA ASP E 172 -21.07 -30.26 5.47
C ASP E 172 -21.65 -28.89 5.17
PB GDP F . 0.40 26.79 1.75
O1B GDP F . 0.32 26.74 0.22
O2B GDP F . 1.53 27.72 2.06
O3B GDP F . -0.81 27.22 2.54
O3A GDP F . 0.83 25.39 2.39
PA GDP F . 1.37 24.08 1.63
O1A GDP F . 2.55 24.45 0.81
O2A GDP F . 0.28 23.39 0.82
O5' GDP F . 1.67 23.10 2.84
C5' GDP F . 2.62 23.47 3.84
C4' GDP F . 3.25 22.23 4.43
O4' GDP F . 2.25 21.50 5.13
C3' GDP F . 3.82 21.24 3.43
O3' GDP F . 4.98 20.62 4.01
C2' GDP F . 2.74 20.21 3.28
O2' GDP F . 3.18 18.91 2.90
C1' GDP F . 2.11 20.16 4.66
N9 GDP F . 0.66 19.84 4.65
C8 GDP F . -0.30 20.49 3.96
N7 GDP F . -1.50 19.93 4.20
C5 GDP F . -1.31 18.93 5.07
C6 GDP F . -2.14 17.95 5.76
O6 GDP F . -3.38 17.92 5.60
N1 GDP F . -1.54 17.10 6.59
C2 GDP F . -0.22 17.11 6.80
N2 GDP F . 0.26 16.23 7.64
N3 GDP F . 0.62 17.97 6.24
C4 GDP F . 0.13 18.87 5.36
MG MG G . 1.04 27.47 -1.52
PB GDP H . 27.02 3.78 -6.77
O1B GDP H . 26.48 5.17 -7.10
O2B GDP H . 28.38 3.53 -7.32
O3B GDP H . 27.04 3.51 -5.29
O3A GDP H . 26.02 2.65 -7.35
PA GDP H . 24.98 2.82 -8.57
O1A GDP H . 25.58 3.48 -9.78
O2A GDP H . 23.75 3.61 -8.11
O5' GDP H . 24.61 1.29 -8.78
C5' GDP H . 25.60 0.39 -9.21
C4' GDP H . 25.00 -0.78 -9.96
O4' GDP H . 24.11 -1.53 -9.13
C3' GDP H . 24.18 -0.41 -11.18
O3' GDP H . 24.40 -1.41 -12.18
C2' GDP H . 22.73 -0.45 -10.72
O2' GDP H . 21.77 -0.80 -11.72
C1' GDP H . 22.80 -1.57 -9.71
N9 GDP H . 21.83 -1.39 -8.60
C8 GDP H . 21.72 -0.31 -7.79
N7 GDP H . 20.76 -0.53 -6.86
C5 GDP H . 20.28 -1.74 -7.05
C6 GDP H . 19.26 -2.58 -6.41
O6 GDP H . 18.60 -2.18 -5.43
N1 GDP H . 19.07 -3.80 -6.91
C2 GDP H . 19.77 -4.27 -7.98
N2 GDP H . 19.51 -5.51 -8.43
N3 GDP H . 20.70 -3.55 -8.62
C4 GDP H . 21.00 -2.32 -8.20
MG MG I . 27.08 6.88 -8.11
PB GDP J . -2.89 -4.98 -21.21
O1B GDP J . -3.25 -3.59 -21.55
O2B GDP J . -4.04 -5.91 -21.55
O3B GDP J . -1.64 -5.49 -21.89
O3A GDP J . -2.53 -5.16 -19.65
PA GDP J . -2.94 -4.19 -18.42
O1A GDP J . -4.41 -3.97 -18.42
O2A GDP J . -2.17 -2.93 -18.46
O5' GDP J . -2.42 -5.10 -17.21
C5' GDP J . -3.01 -6.36 -16.87
C4' GDP J . -2.85 -6.67 -15.38
O4' GDP J . -1.46 -6.81 -15.04
C3' GDP J . -3.42 -5.59 -14.45
O3' GDP J . -3.95 -6.18 -13.24
C2' GDP J . -2.21 -4.80 -14.05
O2' GDP J . -2.38 -4.18 -12.78
C1' GDP J . -1.12 -5.86 -14.03
N9 GDP J . 0.19 -5.27 -14.33
C8 GDP J . 0.54 -4.54 -15.40
N7 GDP J . 1.85 -4.20 -15.32
C5 GDP J . 2.33 -4.70 -14.17
C6 GDP J . 3.62 -4.75 -13.47
O6 GDP J . 4.61 -4.18 -13.96
N1 GDP J . 3.67 -5.43 -12.31
C2 GDP J . 2.61 -6.05 -11.78
N2 GDP J . 2.69 -6.71 -10.63
N3 GDP J . 1.41 -6.07 -12.37
C4 GDP J . 1.24 -5.42 -13.54
MG MG K . -4.86 -2.39 -22.23
PB GDP L . -22.45 2.25 8.70
O1B GDP L . -22.63 2.16 7.23
O2B GDP L . -23.78 2.53 9.35
O3B GDP L . -21.84 0.98 9.29
O3A GDP L . -21.51 3.47 9.16
PA GDP L . -21.19 4.79 8.30
O1A GDP L . -22.38 5.48 7.68
O2A GDP L . -20.16 4.44 7.22
O5' GDP L . -20.56 5.67 9.45
C5' GDP L . -21.39 6.03 10.55
C4' GDP L . -20.81 7.22 11.28
O4' GDP L . -19.51 6.91 11.78
C3' GDP L . -20.66 8.44 10.40
O3' GDP L . -20.90 9.61 11.21
C2' GDP L . -19.21 8.42 9.98
O2' GDP L . -18.70 9.72 9.71
C1' GDP L . -18.54 7.81 11.18
N9 GDP L . -17.32 7.02 10.89
C8 GDP L . -17.24 5.95 10.08
N7 GDP L . -15.99 5.45 10.08
C5 GDP L . -15.26 6.19 10.93
C6 GDP L . -13.87 6.19 11.41
O6 GDP L . -13.02 5.35 11.02
N1 GDP L . -13.54 7.14 12.30
C2 GDP L . -14.43 8.07 12.77
N2 GDP L . -14.02 9.00 13.66
N3 GDP L . -15.71 8.13 12.37
C4 GDP L . -16.16 7.22 11.48
MG MG M . -23.80 2.30 5.73
PB GDP N . 7.95 -35.83 19.91
O1B GDP N . 7.15 -37.05 19.48
O2B GDP N . 9.41 -36.06 19.63
O3B GDP N . 7.50 -34.61 19.12
O3A GDP N . 7.72 -35.60 21.47
PA GDP N . 7.52 -36.85 22.45
O1A GDP N . 8.46 -37.97 22.06
O2A GDP N . 6.08 -37.32 22.44
O5' GDP N . 7.93 -36.22 23.88
C5' GDP N . 9.30 -35.89 24.12
C4' GDP N . 9.55 -35.69 25.60
O4' GDP N . 8.69 -34.65 26.09
C3' GDP N . 9.23 -36.96 26.39
O3' GDP N . 10.24 -37.17 27.38
C2' GDP N . 7.87 -36.68 27.00
O2' GDP N . 7.66 -37.33 28.26
C1' GDP N . 7.87 -35.17 27.14
N9 GDP N . 6.50 -34.61 27.03
C8 GDP N . 5.66 -34.63 25.99
N7 GDP N . 4.49 -34.00 26.29
C5 GDP N . 4.58 -33.57 27.56
C6 GDP N . 3.73 -32.82 28.53
O6 GDP N . 2.59 -32.42 28.23
N1 GDP N . 4.24 -32.58 29.74
C2 GDP N . 5.48 -33.00 30.11
N2 GDP N . 5.94 -32.74 31.34
N3 GDP N . 6.30 -33.67 29.28
C4 GDP N . 5.91 -33.98 28.03
MG MG O . 7.79 -38.73 18.25
#